data_3VZ3
#
_entry.id   3VZ3
#
_cell.length_a   42.957
_cell.length_b   117.181
_cell.length_c   181.980
_cell.angle_alpha   90.00
_cell.angle_beta   90.00
_cell.angle_gamma   90.00
#
_symmetry.space_group_name_H-M   'P 21 21 21'
#
loop_
_entity.id
_entity.type
_entity.pdbx_description
1 polymer 'Succinate-semialdehyde dehydrogenase'
2 non-polymer '4-oxobutanoic acid'
3 non-polymer 'NADP NICOTINAMIDE-ADENINE-DINUCLEOTIDE PHOSPHATE'
4 water water
#
_entity_poly.entity_id   1
_entity_poly.type   'polypeptide(L)'
_entity_poly.pdbx_seq_one_letter_code
;GSHMAIATINPTTGEICQRFKALTPAEIDAKLAKAQEAFQAYRRTSFSQRRQWLENAAAILERDTSKFAEIMTTEMGKTH
QSAIAEAEKSALVCRYYAEHGEQFLANEYTETQATESYVCYQPLGILLAVMPWNFPFWQVFRFAAPALMAGNVAVLKHAS
NVPQCALAVEAILEAAGFPEGVFQTLLIGASQVEQVIKDPRVKAATLTGSEPAGASLASLAGQEIKPTLLELGGSDPFVV
FPSADLDEAVEVGTVARTMNNGQSAIAAKRFILHEAIAAEFLEKLHLKFASLKIGDPMAPETDIGPLATEGILQDISRQV
DQAVAAGAKILLGGRPLDRAGYFYPPTILTEIPPGAKILQEELFAPVAMVFTVKDLDQAIALANDIPFGLGASAWTNDPA
EQQRFIQELDAGAVFINGMVKSDPRLPFGGTKRSGYGRELGLAGIRTFVNAKTVWLK
;
_entity_poly.pdbx_strand_id   A,B
#
loop_
_chem_comp.id
_chem_comp.type
_chem_comp.name
_chem_comp.formula
NAP non-polymer 'NADP NICOTINAMIDE-ADENINE-DINUCLEOTIDE PHOSPHATE' 'C21 H28 N7 O17 P3'
SSN non-polymer '4-oxobutanoic acid' 'C4 H6 O3'
#
# COMPACT_ATOMS: atom_id res chain seq x y z
N ALA A 5 7.33 -31.96 6.52
CA ALA A 5 7.62 -30.73 5.71
C ALA A 5 8.23 -29.60 6.55
N ILE A 6 7.68 -29.35 7.74
CA ILE A 6 8.33 -28.38 8.64
C ILE A 6 9.38 -29.17 9.40
N ALA A 7 10.65 -28.84 9.15
CA ALA A 7 11.77 -29.59 9.70
C ALA A 7 13.09 -28.85 9.56
N THR A 8 14.01 -29.16 10.46
CA THR A 8 15.40 -28.74 10.35
C THR A 8 16.13 -29.84 9.60
N ILE A 9 16.67 -29.48 8.44
CA ILE A 9 17.51 -30.35 7.64
C ILE A 9 18.80 -29.59 7.46
N ASN A 10 19.86 -30.08 8.10
CA ASN A 10 21.15 -29.40 8.07
C ASN A 10 21.75 -29.44 6.65
N PRO A 11 21.89 -28.28 5.98
CA PRO A 11 22.33 -28.28 4.57
C PRO A 11 23.81 -28.63 4.39
N THR A 12 24.58 -28.64 5.49
CA THR A 12 25.99 -29.03 5.42
C THR A 12 26.15 -30.56 5.29
N THR A 13 25.19 -31.31 5.82
CA THR A 13 25.30 -32.77 5.91
C THR A 13 24.12 -33.49 5.24
N GLY A 14 23.03 -32.75 4.99
CA GLY A 14 21.80 -33.33 4.45
C GLY A 14 20.95 -34.08 5.48
N GLU A 15 21.38 -34.07 6.74
CA GLU A 15 20.72 -34.82 7.82
C GLU A 15 19.45 -34.14 8.30
N ILE A 16 18.38 -34.92 8.48
CA ILE A 16 17.18 -34.43 9.13
C ILE A 16 17.40 -34.42 10.64
N CYS A 17 17.35 -33.24 11.23
CA CYS A 17 17.66 -33.04 12.65
C CYS A 17 16.45 -33.01 13.59
N GLN A 18 15.38 -32.37 13.15
CA GLN A 18 14.18 -32.21 13.98
C GLN A 18 12.97 -31.99 13.08
N ARG A 19 11.86 -32.67 13.37
CA ARG A 19 10.62 -32.50 12.63
C ARG A 19 9.59 -31.85 13.54
N PHE A 20 8.70 -31.05 12.95
CA PHE A 20 7.68 -30.36 13.72
C PHE A 20 6.32 -30.63 13.10
N LYS A 21 5.32 -30.76 13.94
CA LYS A 21 3.94 -30.93 13.49
C LYS A 21 3.33 -29.58 13.13
N ALA A 22 2.64 -29.52 11.99
CA ALA A 22 1.95 -28.28 11.58
C ALA A 22 0.72 -28.08 12.45
N LEU A 23 0.35 -26.81 12.69
CA LEU A 23 -0.91 -26.52 13.38
C LEU A 23 -2.09 -27.01 12.57
N THR A 24 -3.14 -27.45 13.26
CA THR A 24 -4.42 -27.74 12.61
C THR A 24 -5.14 -26.41 12.40
N PRO A 25 -6.15 -26.38 11.51
CA PRO A 25 -6.98 -25.18 11.34
C PRO A 25 -7.55 -24.64 12.67
N ALA A 26 -8.00 -25.54 13.56
CA ALA A 26 -8.52 -25.13 14.88
C ALA A 26 -7.46 -24.43 15.73
N GLU A 27 -6.24 -24.97 15.67
CA GLU A 27 -5.14 -24.42 16.44
C GLU A 27 -4.76 -23.03 15.92
N ILE A 28 -4.81 -22.86 14.60
CA ILE A 28 -4.55 -21.53 14.00
C ILE A 28 -5.63 -20.57 14.53
N ASP A 29 -6.88 -21.00 14.48
CA ASP A 29 -7.98 -20.15 14.94
C ASP A 29 -7.82 -19.74 16.42
N ALA A 30 -7.38 -20.70 17.25
CA ALA A 30 -7.12 -20.43 18.67
C ALA A 30 -6.01 -19.38 18.85
N LYS A 31 -4.94 -19.48 18.05
CA LYS A 31 -3.82 -18.49 18.14
C LYS A 31 -4.32 -17.10 17.76
N LEU A 32 -5.19 -17.06 16.77
CA LEU A 32 -5.76 -15.78 16.32
C LEU A 32 -6.72 -15.19 17.36
N ALA A 33 -7.49 -16.04 18.03
CA ALA A 33 -8.37 -15.58 19.11
C ALA A 33 -7.52 -14.98 20.22
N LYS A 34 -6.40 -15.63 20.54
CA LYS A 34 -5.51 -15.10 21.57
C LYS A 34 -4.85 -13.78 21.17
N ALA A 35 -4.43 -13.70 19.90
CA ALA A 35 -3.87 -12.45 19.35
C ALA A 35 -4.86 -11.31 19.46
N GLN A 36 -6.13 -11.58 19.15
CA GLN A 36 -7.14 -10.52 19.15
C GLN A 36 -7.35 -9.98 20.57
N GLU A 37 -7.44 -10.89 21.53
CA GLU A 37 -7.57 -10.52 22.94
C GLU A 37 -6.33 -9.75 23.41
N ALA A 38 -5.15 -10.26 23.04
CA ALA A 38 -3.88 -9.62 23.40
C ALA A 38 -3.81 -8.21 22.83
N PHE A 39 -4.27 -8.04 21.60
CA PHE A 39 -4.27 -6.73 20.94
C PHE A 39 -5.08 -5.70 21.75
N GLN A 40 -6.25 -6.10 22.22
CA GLN A 40 -7.12 -5.21 23.00
C GLN A 40 -6.41 -4.59 24.20
N ALA A 41 -5.61 -5.40 24.89
CA ALA A 41 -4.80 -4.91 26.00
C ALA A 41 -3.53 -4.21 25.55
N TYR A 42 -2.87 -4.77 24.55
CA TYR A 42 -1.55 -4.27 24.13
C TYR A 42 -1.61 -2.87 23.51
N ARG A 43 -2.70 -2.56 22.81
CA ARG A 43 -2.79 -1.26 22.15
C ARG A 43 -2.89 -0.13 23.20
N ARG A 44 -3.14 -0.53 24.45
CA ARG A 44 -3.28 0.43 25.56
C ARG A 44 -1.99 0.61 26.35
N THR A 45 -0.97 -0.21 26.07
CA THR A 45 0.35 -0.06 26.71
C THR A 45 0.98 1.25 26.27
N SER A 46 1.86 1.78 27.11
CA SER A 46 2.53 3.05 26.79
C SER A 46 3.70 2.82 25.85
N PHE A 47 4.09 3.88 25.14
CA PHE A 47 5.32 3.81 24.35
C PHE A 47 6.54 3.49 25.23
N SER A 48 6.54 4.00 26.46
CA SER A 48 7.61 3.68 27.43
C SER A 48 7.73 2.17 27.68
N GLN A 49 6.59 1.52 27.91
CA GLN A 49 6.56 0.08 28.11
C GLN A 49 7.09 -0.70 26.89
N ARG A 50 6.64 -0.31 25.70
CA ARG A 50 7.07 -0.99 24.46
C ARG A 50 8.57 -0.79 24.22
N ARG A 51 9.05 0.40 24.54
CA ARG A 51 10.47 0.74 24.43
C ARG A 51 11.28 -0.20 25.35
N GLN A 52 10.80 -0.38 26.57
CA GLN A 52 11.47 -1.25 27.54
C GLN A 52 11.55 -2.68 27.01
N TRP A 53 10.43 -3.21 26.55
CA TRP A 53 10.41 -4.56 26.04
C TRP A 53 11.26 -4.74 24.79
N LEU A 54 11.21 -3.77 23.85
CA LEU A 54 12.08 -3.83 22.67
C LEU A 54 13.57 -3.75 23.02
N GLU A 55 13.92 -2.86 23.95
CA GLU A 55 15.30 -2.79 24.41
C GLU A 55 15.75 -4.09 25.09
N ASN A 56 14.82 -4.73 25.81
CA ASN A 56 15.10 -6.04 26.41
C ASN A 56 15.40 -7.06 25.33
N ALA A 57 14.59 -7.06 24.27
CA ALA A 57 14.81 -7.97 23.13
C ALA A 57 16.19 -7.72 22.51
N ALA A 58 16.52 -6.44 22.31
CA ALA A 58 17.85 -6.09 21.76
C ALA A 58 18.99 -6.62 22.63
N ALA A 59 18.83 -6.49 23.94
CA ALA A 59 19.84 -6.97 24.89
C ALA A 59 19.99 -8.49 24.87
N ILE A 60 18.87 -9.21 24.70
CA ILE A 60 18.91 -10.68 24.58
C ILE A 60 19.70 -11.08 23.33
N LEU A 61 19.39 -10.43 22.21
CA LEU A 61 20.09 -10.68 20.94
C LEU A 61 21.58 -10.37 21.07
N GLU A 62 21.89 -9.24 21.69
CA GLU A 62 23.28 -8.80 21.88
C GLU A 62 24.09 -9.78 22.72
N ARG A 63 23.46 -10.33 23.75
CA ARG A 63 24.13 -11.21 24.69
C ARG A 63 24.43 -12.57 24.07
N ASP A 64 23.47 -13.11 23.31
CA ASP A 64 23.59 -14.48 22.82
C ASP A 64 23.75 -14.57 21.31
N THR A 65 24.46 -13.61 20.71
CA THR A 65 24.62 -13.60 19.26
C THR A 65 25.12 -14.95 18.74
N SER A 66 26.13 -15.51 19.41
CA SER A 66 26.73 -16.77 18.95
C SER A 66 25.74 -17.94 18.99
N LYS A 67 24.98 -18.05 20.08
CA LYS A 67 23.97 -19.11 20.21
C LYS A 67 22.91 -19.01 19.12
N PHE A 68 22.37 -17.80 18.91
CA PHE A 68 21.36 -17.62 17.88
C PHE A 68 21.96 -17.87 16.50
N ALA A 69 23.17 -17.37 16.29
CA ALA A 69 23.85 -17.56 15.01
C ALA A 69 23.99 -19.06 14.68
N GLU A 70 24.31 -19.87 15.70
CA GLU A 70 24.45 -21.32 15.50
C GLU A 70 23.13 -21.95 15.05
N ILE A 71 21.99 -21.46 15.55
CA ILE A 71 20.70 -21.98 15.10
C ILE A 71 20.55 -21.69 13.59
N MET A 72 20.86 -20.45 13.21
CA MET A 72 20.72 -20.01 11.81
C MET A 72 21.61 -20.85 10.89
N THR A 73 22.89 -20.98 11.27
CA THR A 73 23.84 -21.78 10.49
C THR A 73 23.40 -23.25 10.37
N THR A 74 22.96 -23.83 11.48
CA THR A 74 22.51 -25.22 11.48
C THR A 74 21.34 -25.44 10.52
N GLU A 75 20.38 -24.52 10.54
CA GLU A 75 19.14 -24.70 9.78
C GLU A 75 19.29 -24.35 8.32
N MET A 76 20.07 -23.33 8.02
CA MET A 76 20.08 -22.86 6.62
C MET A 76 21.45 -22.55 5.99
N GLY A 77 22.53 -22.81 6.72
CA GLY A 77 23.86 -22.90 6.08
C GLY A 77 24.71 -21.66 5.94
N LYS A 78 24.19 -20.49 6.33
CA LYS A 78 25.03 -19.27 6.26
C LYS A 78 26.19 -19.39 7.25
N THR A 79 27.31 -18.75 6.93
CA THR A 79 28.47 -18.84 7.83
C THR A 79 28.07 -18.37 9.23
N HIS A 80 28.66 -18.98 10.25
CA HIS A 80 28.39 -18.60 11.64
C HIS A 80 28.74 -17.12 11.87
N GLN A 81 29.87 -16.67 11.30
CA GLN A 81 30.23 -15.25 11.41
C GLN A 81 29.16 -14.31 10.82
N SER A 82 28.63 -14.65 9.63
CA SER A 82 27.60 -13.80 9.03
C SER A 82 26.29 -13.89 9.84
N ALA A 83 26.05 -15.02 10.49
CA ALA A 83 24.86 -15.17 11.32
C ALA A 83 24.98 -14.35 12.61
N ILE A 84 26.20 -14.25 13.14
CA ILE A 84 26.49 -13.34 14.27
C ILE A 84 26.14 -11.90 13.87
N ALA A 85 26.59 -11.49 12.68
CA ALA A 85 26.27 -10.16 12.14
C ALA A 85 24.77 -9.96 12.01
N GLU A 86 24.06 -11.02 11.62
CA GLU A 86 22.61 -10.93 11.48
C GLU A 86 21.92 -10.70 12.82
N ALA A 87 22.39 -11.43 13.83
CA ALA A 87 21.87 -11.27 15.19
C ALA A 87 22.11 -9.83 15.70
N GLU A 88 23.32 -9.30 15.44
CA GLU A 88 23.61 -7.91 15.79
C GLU A 88 22.71 -6.91 15.08
N LYS A 89 22.44 -7.15 13.79
CA LYS A 89 21.63 -6.21 13.01
C LYS A 89 20.18 -6.23 13.51
N SER A 90 19.75 -7.41 13.92
CA SER A 90 18.41 -7.60 14.47
C SER A 90 18.25 -6.77 15.76
N ALA A 91 19.27 -6.81 16.62
CA ALA A 91 19.26 -5.98 17.83
C ALA A 91 19.22 -4.49 17.44
N LEU A 92 19.97 -4.15 16.41
CA LEU A 92 20.06 -2.76 15.96
C LEU A 92 18.70 -2.18 15.59
N VAL A 93 17.89 -2.93 14.84
CA VAL A 93 16.57 -2.42 14.43
C VAL A 93 15.61 -2.37 15.62
N CYS A 94 15.76 -3.30 16.56
CA CYS A 94 15.00 -3.22 17.81
C CYS A 94 15.27 -1.89 18.51
N ARG A 95 16.55 -1.56 18.66
CA ARG A 95 16.92 -0.32 19.33
C ARG A 95 16.44 0.91 18.54
N TYR A 96 16.53 0.84 17.22
CA TYR A 96 16.12 1.96 16.37
C TYR A 96 14.66 2.33 16.65
N TYR A 97 13.76 1.34 16.59
CA TYR A 97 12.35 1.66 16.83
C TYR A 97 12.02 1.90 18.28
N ALA A 98 12.78 1.27 19.19
CA ALA A 98 12.61 1.61 20.60
C ALA A 98 12.89 3.10 20.81
N GLU A 99 13.95 3.57 20.15
CA GLU A 99 14.38 4.95 20.30
C GLU A 99 13.51 5.98 19.58
N HIS A 100 12.98 5.61 18.42
CA HIS A 100 12.31 6.56 17.53
C HIS A 100 10.79 6.37 17.39
N GLY A 101 10.28 5.23 17.83
CA GLY A 101 8.88 4.88 17.61
C GLY A 101 7.88 5.93 18.06
N GLU A 102 8.02 6.41 19.30
CA GLU A 102 7.08 7.40 19.81
C GLU A 102 7.07 8.68 18.97
N GLN A 103 8.25 9.21 18.66
CA GLN A 103 8.32 10.48 17.91
C GLN A 103 7.79 10.27 16.50
N PHE A 104 8.08 9.09 15.94
CA PHE A 104 7.65 8.76 14.57
C PHE A 104 6.13 8.63 14.45
N LEU A 105 5.47 8.34 15.58
CA LEU A 105 4.02 8.14 15.60
C LEU A 105 3.26 9.28 16.27
N ALA A 106 3.95 10.37 16.56
CA ALA A 106 3.31 11.52 17.20
C ALA A 106 2.33 12.22 16.26
N ASN A 107 1.33 12.87 16.85
CA ASN A 107 0.34 13.63 16.08
C ASN A 107 1.04 14.62 15.16
N GLU A 108 0.54 14.74 13.92
CA GLU A 108 1.03 15.76 13.00
C GLU A 108 -0.07 16.77 12.73
N TYR A 109 0.17 18.02 13.13
CA TYR A 109 -0.85 19.06 13.06
C TYR A 109 -0.78 19.80 11.75
N THR A 110 -1.96 20.13 11.21
CA THR A 110 -2.07 20.94 10.00
C THR A 110 -3.02 22.09 10.31
N GLU A 111 -2.60 23.31 10.02
CA GLU A 111 -3.41 24.48 10.32
C GLU A 111 -4.57 24.62 9.34
N THR A 112 -5.79 24.64 9.88
CA THR A 112 -7.01 24.88 9.10
C THR A 112 -7.91 25.80 9.93
N GLN A 113 -9.16 25.95 9.50
CA GLN A 113 -10.21 26.64 10.26
C GLN A 113 -10.57 25.89 11.56
N ALA A 114 -10.25 24.60 11.64
CA ALA A 114 -10.57 23.82 12.83
C ALA A 114 -9.78 24.34 14.03
N THR A 115 -10.38 24.26 15.21
CA THR A 115 -9.61 24.49 16.45
C THR A 115 -8.42 23.51 16.54
N GLU A 116 -8.66 22.24 16.21
CA GLU A 116 -7.60 21.23 16.10
C GLU A 116 -7.84 20.43 14.83
N SER A 117 -6.82 20.34 13.98
CA SER A 117 -6.84 19.36 12.90
C SER A 117 -5.48 18.69 12.78
N TYR A 118 -5.47 17.36 12.82
CA TYR A 118 -4.22 16.63 12.82
C TYR A 118 -4.39 15.22 12.32
N VAL A 119 -3.28 14.54 12.12
CA VAL A 119 -3.29 13.12 11.84
C VAL A 119 -2.68 12.41 13.04
N CYS A 120 -3.38 11.40 13.55
CA CYS A 120 -2.75 10.54 14.54
C CYS A 120 -2.61 9.13 13.98
N TYR A 121 -1.82 8.31 14.68
CA TYR A 121 -1.38 7.06 14.10
C TYR A 121 -1.68 5.96 15.10
N GLN A 122 -2.65 5.11 14.75
CA GLN A 122 -3.10 4.06 15.67
C GLN A 122 -2.90 2.69 15.03
N PRO A 123 -2.62 1.66 15.84
CA PRO A 123 -2.36 0.34 15.26
C PRO A 123 -3.62 -0.26 14.61
N LEU A 124 -3.41 -1.11 13.61
CA LEU A 124 -4.51 -1.78 12.89
C LEU A 124 -5.07 -3.01 13.61
N GLY A 125 -4.18 -3.80 14.20
CA GLY A 125 -4.61 -5.00 14.95
C GLY A 125 -3.62 -6.11 14.66
N ILE A 126 -4.14 -7.29 14.35
CA ILE A 126 -3.27 -8.43 14.01
C ILE A 126 -2.69 -8.30 12.61
N LEU A 127 -1.36 -8.37 12.53
CA LEU A 127 -0.63 -8.37 11.26
C LEU A 127 -0.09 -9.76 11.00
N LEU A 128 -0.27 -10.23 9.76
CA LEU A 128 0.38 -11.48 9.33
C LEU A 128 1.70 -11.14 8.65
N ALA A 129 2.78 -11.80 9.08
CA ALA A 129 4.08 -11.71 8.38
C ALA A 129 4.48 -13.08 7.85
N VAL A 130 4.83 -13.13 6.56
CA VAL A 130 5.29 -14.37 5.94
C VAL A 130 6.75 -14.11 5.58
N MET A 131 7.65 -14.95 6.07
CA MET A 131 9.08 -14.62 6.00
C MET A 131 9.90 -15.77 5.39
N PRO A 132 11.07 -15.44 4.79
CA PRO A 132 11.91 -16.40 4.09
C PRO A 132 13.08 -16.91 4.95
N TRP A 133 13.71 -17.98 4.48
CA TRP A 133 14.78 -18.64 5.23
C TRP A 133 16.15 -17.94 5.18
N ASN A 134 16.34 -17.00 4.25
CA ASN A 134 17.70 -16.51 3.95
C ASN A 134 18.32 -15.57 4.99
N PHE A 135 17.47 -14.76 5.64
CA PHE A 135 17.86 -13.95 6.80
C PHE A 135 16.80 -14.21 7.85
N PRO A 136 16.86 -15.38 8.49
CA PRO A 136 15.72 -15.85 9.30
C PRO A 136 15.48 -15.08 10.59
N PHE A 137 16.46 -14.28 11.03
CA PHE A 137 16.26 -13.42 12.19
C PHE A 137 15.99 -11.98 11.72
N TRP A 138 16.89 -11.47 10.88
CA TRP A 138 16.82 -10.08 10.45
C TRP A 138 15.49 -9.74 9.77
N GLN A 139 15.00 -10.59 8.84
CA GLN A 139 13.74 -10.26 8.16
C GLN A 139 12.59 -10.18 9.16
N VAL A 140 12.64 -11.03 10.17
CA VAL A 140 11.59 -11.05 11.17
C VAL A 140 11.63 -9.76 12.02
N PHE A 141 12.81 -9.45 12.56
CA PHE A 141 12.93 -8.25 13.39
C PHE A 141 12.73 -6.94 12.61
N ARG A 142 13.13 -6.92 11.34
CA ARG A 142 12.86 -5.77 10.46
C ARG A 142 11.36 -5.41 10.45
N PHE A 143 10.51 -6.44 10.42
CA PHE A 143 9.06 -6.25 10.48
C PHE A 143 8.55 -6.04 11.93
N ALA A 144 9.02 -6.88 12.84
CA ALA A 144 8.41 -6.99 14.17
C ALA A 144 8.66 -5.77 15.02
N ALA A 145 9.89 -5.25 15.01
CA ALA A 145 10.22 -4.11 15.86
C ALA A 145 9.29 -2.91 15.63
N PRO A 146 9.14 -2.44 14.37
CA PRO A 146 8.20 -1.32 14.19
C PRO A 146 6.73 -1.70 14.41
N ALA A 147 6.37 -2.92 13.98
CA ALA A 147 4.97 -3.36 14.11
C ALA A 147 4.53 -3.31 15.56
N LEU A 148 5.38 -3.84 16.44
CA LEU A 148 5.10 -3.93 17.87
C LEU A 148 5.22 -2.57 18.54
N MET A 149 6.19 -1.76 18.14
CA MET A 149 6.30 -0.41 18.69
C MET A 149 5.02 0.40 18.41
N ALA A 150 4.39 0.14 17.26
CA ALA A 150 3.18 0.86 16.85
C ALA A 150 1.90 0.40 17.58
N GLY A 151 2.02 -0.71 18.30
CA GLY A 151 0.87 -1.26 19.05
C GLY A 151 0.10 -2.37 18.36
N ASN A 152 0.58 -2.81 17.19
CA ASN A 152 0.04 -4.00 16.54
C ASN A 152 0.46 -5.28 17.27
N VAL A 153 -0.24 -6.37 16.99
CA VAL A 153 0.27 -7.69 17.36
C VAL A 153 0.52 -8.45 16.07
N ALA A 154 1.30 -9.53 16.13
CA ALA A 154 1.76 -10.17 14.91
C ALA A 154 1.69 -11.67 15.01
N VAL A 155 1.38 -12.29 13.89
CA VAL A 155 1.53 -13.74 13.75
C VAL A 155 2.50 -13.98 12.60
N LEU A 156 3.46 -14.86 12.84
CA LEU A 156 4.53 -15.11 11.90
C LEU A 156 4.39 -16.50 11.29
N LYS A 157 4.33 -16.54 9.95
CA LYS A 157 4.53 -17.80 9.24
C LYS A 157 5.94 -17.72 8.66
N HIS A 158 6.87 -18.43 9.27
CA HIS A 158 8.22 -18.47 8.74
C HIS A 158 8.37 -19.58 7.71
N ALA A 159 9.51 -19.57 7.01
CA ALA A 159 9.81 -20.66 6.07
C ALA A 159 9.85 -22.01 6.80
N SER A 160 9.39 -23.06 6.14
CA SER A 160 9.25 -24.37 6.79
C SER A 160 10.59 -25.03 7.12
N ASN A 161 11.67 -24.51 6.56
CA ASN A 161 13.00 -25.04 6.82
C ASN A 161 13.77 -24.29 7.91
N VAL A 162 13.15 -23.26 8.50
CA VAL A 162 13.79 -22.60 9.66
C VAL A 162 12.87 -22.55 10.91
N PRO A 163 12.28 -23.69 11.29
CA PRO A 163 11.35 -23.68 12.44
C PRO A 163 12.03 -23.33 13.77
N GLN A 164 13.25 -23.76 13.97
CA GLN A 164 13.97 -23.40 15.20
C GLN A 164 14.24 -21.89 15.26
N CYS A 165 14.56 -21.27 14.14
CA CYS A 165 14.70 -19.81 14.11
C CYS A 165 13.36 -19.15 14.47
N ALA A 166 12.29 -19.65 13.85
CA ALA A 166 10.96 -19.09 14.08
C ALA A 166 10.57 -19.18 15.57
N LEU A 167 10.85 -20.33 16.19
CA LEU A 167 10.51 -20.49 17.60
C LEU A 167 11.40 -19.63 18.49
N ALA A 168 12.66 -19.49 18.09
CA ALA A 168 13.60 -18.68 18.85
C ALA A 168 13.17 -17.23 18.89
N VAL A 169 12.74 -16.68 17.76
CA VAL A 169 12.27 -15.29 17.72
C VAL A 169 11.09 -15.05 18.68
N GLU A 170 10.11 -15.95 18.64
CA GLU A 170 8.99 -15.88 19.57
C GLU A 170 9.46 -15.93 21.02
N ALA A 171 10.42 -16.82 21.29
CA ALA A 171 10.94 -17.00 22.66
C ALA A 171 11.69 -15.76 23.17
N ILE A 172 12.44 -15.11 22.28
CA ILE A 172 13.18 -13.87 22.63
C ILE A 172 12.19 -12.79 23.05
N LEU A 173 11.12 -12.63 22.28
CA LEU A 173 10.11 -11.60 22.56
C LEU A 173 9.32 -11.88 23.84
N GLU A 174 9.04 -13.16 24.10
CA GLU A 174 8.45 -13.54 25.39
C GLU A 174 9.38 -13.25 26.56
N ALA A 175 10.65 -13.62 26.41
CA ALA A 175 11.65 -13.37 27.46
C ALA A 175 11.84 -11.87 27.72
N ALA A 176 11.65 -11.08 26.67
CA ALA A 176 11.85 -9.62 26.73
C ALA A 176 10.73 -8.96 27.54
N GLY A 177 9.59 -9.64 27.64
CA GLY A 177 8.45 -9.16 28.43
C GLY A 177 7.17 -8.89 27.66
N PHE A 178 7.20 -9.05 26.33
CA PHE A 178 5.99 -8.81 25.55
C PHE A 178 4.92 -9.79 26.02
N PRO A 179 3.70 -9.29 26.28
CA PRO A 179 2.58 -10.16 26.71
C PRO A 179 2.27 -11.30 25.74
N GLU A 180 1.78 -12.40 26.31
CA GLU A 180 1.31 -13.56 25.54
C GLU A 180 0.34 -13.13 24.47
N GLY A 181 0.60 -13.55 23.23
CA GLY A 181 -0.33 -13.28 22.14
C GLY A 181 0.07 -12.07 21.32
N VAL A 182 1.06 -11.29 21.81
CA VAL A 182 1.50 -10.12 21.08
C VAL A 182 2.36 -10.50 19.85
N PHE A 183 3.15 -11.56 19.98
CA PHE A 183 3.92 -12.11 18.85
C PHE A 183 3.87 -13.62 18.95
N GLN A 184 3.31 -14.25 17.92
CA GLN A 184 3.17 -15.72 17.91
C GLN A 184 3.71 -16.30 16.62
N THR A 185 4.49 -17.37 16.74
CA THR A 185 4.98 -18.08 15.58
C THR A 185 3.98 -19.19 15.24
N LEU A 186 3.60 -19.24 13.97
CA LEU A 186 2.70 -20.25 13.44
C LEU A 186 3.48 -21.29 12.65
N LEU A 187 3.62 -22.49 13.20
CA LEU A 187 4.26 -23.57 12.46
C LEU A 187 3.24 -24.15 11.51
N ILE A 188 3.16 -23.54 10.33
CA ILE A 188 2.17 -23.90 9.31
C ILE A 188 2.80 -23.89 7.90
N GLY A 189 2.19 -24.63 6.99
CA GLY A 189 2.67 -24.67 5.61
C GLY A 189 2.18 -23.50 4.78
N ALA A 190 2.77 -23.33 3.60
CA ALA A 190 2.36 -22.29 2.67
C ALA A 190 0.86 -22.38 2.33
N SER A 191 0.35 -23.61 2.21
CA SER A 191 -1.09 -23.81 1.91
C SER A 191 -2.06 -23.29 2.97
N GLN A 192 -1.54 -23.04 4.18
CA GLN A 192 -2.36 -22.63 5.33
C GLN A 192 -2.40 -21.12 5.52
N VAL A 193 -1.55 -20.41 4.79
CA VAL A 193 -1.52 -18.94 4.88
C VAL A 193 -2.88 -18.33 4.48
N GLU A 194 -3.54 -18.93 3.48
CA GLU A 194 -4.88 -18.48 3.07
C GLU A 194 -5.88 -18.41 4.24
N GLN A 195 -5.86 -19.39 5.15
CA GLN A 195 -6.76 -19.36 6.28
C GLN A 195 -6.51 -18.09 7.12
N VAL A 196 -5.25 -17.75 7.32
CA VAL A 196 -4.89 -16.59 8.12
C VAL A 196 -5.32 -15.26 7.46
N ILE A 197 -5.02 -15.12 6.17
CA ILE A 197 -5.37 -13.89 5.46
C ILE A 197 -6.89 -13.68 5.41
N LYS A 198 -7.64 -14.78 5.31
CA LYS A 198 -9.10 -14.73 5.22
C LYS A 198 -9.80 -14.51 6.57
N ASP A 199 -9.05 -14.61 7.65
CA ASP A 199 -9.65 -14.47 8.99
C ASP A 199 -9.98 -13.01 9.25
N PRO A 200 -11.22 -12.70 9.69
CA PRO A 200 -11.65 -11.29 9.84
C PRO A 200 -10.82 -10.49 10.85
N ARG A 201 -10.17 -11.18 11.77
CA ARG A 201 -9.34 -10.52 12.78
C ARG A 201 -7.98 -10.05 12.25
N VAL A 202 -7.53 -10.67 11.16
CA VAL A 202 -6.25 -10.30 10.55
C VAL A 202 -6.46 -9.09 9.63
N LYS A 203 -5.71 -8.02 9.89
CA LYS A 203 -6.05 -6.73 9.27
C LYS A 203 -5.13 -6.35 8.10
N ALA A 204 -3.95 -6.96 8.05
CA ALA A 204 -2.93 -6.61 7.06
C ALA A 204 -1.91 -7.71 6.99
N ALA A 205 -1.08 -7.67 5.96
CA ALA A 205 -0.07 -8.72 5.79
C ALA A 205 1.18 -8.19 5.09
N THR A 206 2.31 -8.75 5.47
CA THR A 206 3.58 -8.43 4.82
C THR A 206 4.26 -9.73 4.41
N LEU A 207 4.94 -9.73 3.27
CA LEU A 207 5.68 -10.91 2.87
C LEU A 207 7.04 -10.52 2.31
N THR A 208 8.07 -11.20 2.78
CA THR A 208 9.39 -11.14 2.17
C THR A 208 9.69 -12.53 1.62
N GLY A 209 10.10 -12.59 0.36
CA GLY A 209 10.24 -13.89 -0.31
C GLY A 209 10.26 -13.74 -1.81
N SER A 210 9.72 -14.72 -2.51
CA SER A 210 9.77 -14.72 -3.96
C SER A 210 8.40 -14.38 -4.54
N GLU A 211 8.38 -14.13 -5.84
CA GLU A 211 7.17 -13.64 -6.52
C GLU A 211 5.93 -14.56 -6.36
N PRO A 212 6.08 -15.89 -6.57
CA PRO A 212 4.86 -16.71 -6.46
C PRO A 212 4.19 -16.58 -5.08
N ALA A 213 4.98 -16.55 -4.01
CA ALA A 213 4.43 -16.43 -2.67
C ALA A 213 3.79 -15.06 -2.50
N GLY A 214 4.52 -14.01 -2.89
CA GLY A 214 4.00 -12.65 -2.78
C GLY A 214 2.74 -12.42 -3.60
N ALA A 215 2.70 -12.95 -4.81
CA ALA A 215 1.50 -12.83 -5.66
C ALA A 215 0.29 -13.48 -4.99
N SER A 216 0.50 -14.66 -4.39
CA SER A 216 -0.58 -15.36 -3.72
C SER A 216 -1.07 -14.55 -2.53
N LEU A 217 -0.15 -14.10 -1.69
CA LEU A 217 -0.55 -13.35 -0.49
C LEU A 217 -1.25 -12.03 -0.85
N ALA A 218 -0.65 -11.27 -1.76
CA ALA A 218 -1.19 -9.96 -2.15
C ALA A 218 -2.53 -10.06 -2.85
N SER A 219 -2.72 -11.11 -3.65
CA SER A 219 -4.00 -11.29 -4.35
C SER A 219 -5.11 -11.66 -3.37
N LEU A 220 -4.80 -12.56 -2.43
CA LEU A 220 -5.75 -12.93 -1.41
C LEU A 220 -6.11 -11.77 -0.49
N ALA A 221 -5.09 -11.01 -0.07
CA ALA A 221 -5.28 -9.82 0.77
C ALA A 221 -6.10 -8.74 0.08
N GLY A 222 -5.78 -8.50 -1.19
CA GLY A 222 -6.52 -7.52 -1.99
C GLY A 222 -8.00 -7.89 -2.09
N GLN A 223 -8.27 -9.17 -2.34
CA GLN A 223 -9.65 -9.68 -2.34
C GLN A 223 -10.40 -9.37 -1.03
N GLU A 224 -9.67 -9.39 0.09
CA GLU A 224 -10.26 -9.16 1.42
C GLU A 224 -10.15 -7.69 1.86
N ILE A 225 -9.72 -6.83 0.94
CA ILE A 225 -9.57 -5.39 1.24
C ILE A 225 -8.57 -5.13 2.39
N LYS A 226 -7.44 -5.81 2.31
CA LYS A 226 -6.42 -5.69 3.34
C LYS A 226 -5.12 -5.20 2.71
N PRO A 227 -4.47 -4.21 3.36
CA PRO A 227 -3.23 -3.65 2.81
C PRO A 227 -2.05 -4.62 2.97
N THR A 228 -1.10 -4.53 2.05
CA THR A 228 0.07 -5.40 2.02
C THR A 228 1.36 -4.62 1.77
N LEU A 229 2.48 -5.28 2.05
CA LEU A 229 3.80 -4.80 1.70
C LEU A 229 4.53 -6.04 1.20
N LEU A 230 5.24 -5.90 0.08
CA LEU A 230 5.95 -7.04 -0.47
C LEU A 230 7.41 -6.67 -0.73
N GLU A 231 8.29 -7.52 -0.23
CA GLU A 231 9.73 -7.37 -0.46
C GLU A 231 10.16 -8.65 -1.17
N LEU A 232 10.38 -8.58 -2.49
CA LEU A 232 10.64 -9.79 -3.23
C LEU A 232 12.07 -9.88 -3.78
N GLY A 233 12.25 -10.62 -4.86
CA GLY A 233 13.59 -10.87 -5.40
C GLY A 233 14.19 -9.73 -6.19
N GLY A 234 15.46 -9.89 -6.53
CA GLY A 234 16.14 -8.89 -7.34
C GLY A 234 17.14 -9.57 -8.26
N SER A 235 17.53 -8.86 -9.30
CA SER A 235 18.73 -9.23 -10.06
C SER A 235 19.56 -7.97 -10.19
N ASP A 236 20.08 -7.50 -9.05
CA ASP A 236 20.63 -6.16 -8.97
C ASP A 236 21.88 -6.00 -9.82
N PRO A 237 21.99 -4.87 -10.53
CA PRO A 237 23.21 -4.59 -11.26
C PRO A 237 24.29 -4.04 -10.36
N PHE A 238 25.54 -4.28 -10.75
CA PHE A 238 26.71 -3.73 -10.05
C PHE A 238 27.52 -3.16 -11.22
N VAL A 239 27.46 -1.84 -11.39
CA VAL A 239 27.95 -1.18 -12.61
C VAL A 239 29.29 -0.55 -12.29
N VAL A 240 30.30 -0.78 -13.13
CA VAL A 240 31.64 -0.29 -12.83
C VAL A 240 32.16 0.50 -14.02
N PHE A 241 32.39 1.79 -13.78
CA PHE A 241 32.83 2.71 -14.85
C PHE A 241 34.30 3.14 -14.71
N PRO A 242 34.87 3.74 -15.76
CA PRO A 242 36.33 3.87 -15.81
C PRO A 242 37.00 4.66 -14.69
N SER A 243 36.28 5.58 -14.05
CA SER A 243 36.85 6.40 -12.98
C SER A 243 36.67 5.76 -11.60
N ALA A 244 36.09 4.56 -11.58
CA ALA A 244 35.89 3.82 -10.34
C ALA A 244 37.20 3.49 -9.61
N ASP A 245 37.08 3.34 -8.30
CA ASP A 245 38.16 2.82 -7.49
C ASP A 245 38.09 1.29 -7.68
N LEU A 246 38.84 0.78 -8.66
CA LEU A 246 38.64 -0.60 -9.17
C LEU A 246 38.90 -1.70 -8.15
N ASP A 247 39.99 -1.58 -7.39
CA ASP A 247 40.28 -2.59 -6.37
C ASP A 247 39.18 -2.66 -5.30
N GLU A 248 38.67 -1.51 -4.87
CA GLU A 248 37.57 -1.50 -3.92
C GLU A 248 36.30 -2.13 -4.53
N ALA A 249 36.04 -1.80 -5.79
CA ALA A 249 34.87 -2.32 -6.48
C ALA A 249 34.93 -3.85 -6.59
N VAL A 250 36.12 -4.39 -6.85
CA VAL A 250 36.30 -5.84 -6.92
C VAL A 250 36.06 -6.50 -5.56
N GLU A 251 36.64 -5.93 -4.52
CA GLU A 251 36.50 -6.51 -3.19
C GLU A 251 35.06 -6.45 -2.71
N VAL A 252 34.45 -5.27 -2.83
CA VAL A 252 33.08 -5.07 -2.41
C VAL A 252 32.12 -5.89 -3.30
N GLY A 253 32.36 -5.90 -4.61
CA GLY A 253 31.56 -6.70 -5.55
C GLY A 253 31.56 -8.18 -5.20
N THR A 254 32.74 -8.68 -4.80
CA THR A 254 32.87 -10.07 -4.39
C THR A 254 32.02 -10.36 -3.15
N VAL A 255 32.09 -9.48 -2.15
CA VAL A 255 31.26 -9.63 -0.95
C VAL A 255 29.78 -9.62 -1.35
N ALA A 256 29.41 -8.64 -2.19
CA ALA A 256 28.00 -8.47 -2.55
C ALA A 256 27.45 -9.69 -3.26
N ARG A 257 28.25 -10.32 -4.11
CA ARG A 257 27.75 -11.52 -4.80
C ARG A 257 27.77 -12.76 -3.90
N THR A 258 28.78 -12.85 -3.02
CA THR A 258 29.01 -14.13 -2.30
C THR A 258 28.49 -14.19 -0.87
N MET A 259 28.12 -13.02 -0.30
CA MET A 259 27.55 -12.98 1.04
C MET A 259 26.30 -13.87 1.14
N ASN A 260 26.11 -14.50 2.30
CA ASN A 260 24.95 -15.38 2.52
C ASN A 260 24.94 -16.52 1.49
N ASN A 261 26.15 -16.98 1.13
CA ASN A 261 26.32 -17.98 0.07
C ASN A 261 25.57 -17.61 -1.23
N GLY A 262 25.51 -16.32 -1.53
CA GLY A 262 24.83 -15.81 -2.71
C GLY A 262 23.33 -15.58 -2.59
N GLN A 263 22.78 -15.98 -1.45
CA GLN A 263 21.34 -16.04 -1.29
C GLN A 263 20.81 -14.75 -0.67
N SER A 264 20.96 -13.66 -1.42
CA SER A 264 20.47 -12.36 -0.97
C SER A 264 19.70 -11.72 -2.12
N ALA A 265 18.56 -11.14 -1.78
CA ALA A 265 17.76 -10.43 -2.76
C ALA A 265 18.52 -9.21 -3.29
N ILE A 266 19.43 -8.65 -2.47
CA ILE A 266 20.25 -7.50 -2.90
C ILE A 266 21.70 -7.87 -3.19
N ALA A 267 21.93 -9.14 -3.52
CA ALA A 267 23.25 -9.54 -4.01
C ALA A 267 23.58 -8.74 -5.28
N ALA A 268 24.87 -8.50 -5.53
CA ALA A 268 25.29 -8.05 -6.85
C ALA A 268 25.19 -9.27 -7.78
N LYS A 269 24.23 -9.27 -8.70
CA LYS A 269 24.01 -10.45 -9.55
C LYS A 269 24.49 -10.27 -10.97
N ARG A 270 24.42 -9.04 -11.46
CA ARG A 270 24.83 -8.74 -12.83
C ARG A 270 25.88 -7.64 -12.82
N PHE A 271 27.13 -8.02 -13.11
CA PHE A 271 28.25 -7.08 -13.16
C PHE A 271 28.30 -6.47 -14.54
N ILE A 272 28.13 -5.14 -14.58
CA ILE A 272 28.08 -4.42 -15.87
C ILE A 272 29.29 -3.50 -15.92
N LEU A 273 30.22 -3.82 -16.83
CA LEU A 273 31.56 -3.24 -16.81
C LEU A 273 31.81 -2.41 -18.06
N HIS A 274 32.22 -1.16 -17.89
CA HIS A 274 32.62 -0.37 -19.04
C HIS A 274 33.82 -1.04 -19.70
N GLU A 275 33.81 -1.13 -21.02
CA GLU A 275 34.90 -1.79 -21.78
C GLU A 275 36.32 -1.35 -21.41
N ALA A 276 36.48 -0.09 -20.98
CA ALA A 276 37.81 0.45 -20.68
C ALA A 276 38.47 -0.20 -19.46
N ILE A 277 37.64 -0.69 -18.53
CA ILE A 277 38.14 -1.33 -17.31
C ILE A 277 37.71 -2.80 -17.17
N ALA A 278 36.97 -3.31 -18.15
CA ALA A 278 36.34 -4.64 -18.02
C ALA A 278 37.37 -5.76 -17.85
N ALA A 279 38.45 -5.72 -18.63
CA ALA A 279 39.46 -6.80 -18.58
C ALA A 279 40.11 -6.90 -17.19
N GLU A 280 40.50 -5.75 -16.65
CA GLU A 280 41.14 -5.67 -15.35
C GLU A 280 40.19 -6.09 -14.24
N PHE A 281 38.98 -5.53 -14.28
CA PHE A 281 38.00 -5.87 -13.26
C PHE A 281 37.72 -7.38 -13.30
N LEU A 282 37.51 -7.92 -14.49
CA LEU A 282 37.13 -9.33 -14.59
C LEU A 282 38.25 -10.26 -14.12
N GLU A 283 39.50 -9.97 -14.52
CA GLU A 283 40.63 -10.74 -13.99
C GLU A 283 40.66 -10.72 -12.46
N LYS A 284 40.51 -9.54 -11.87
CA LYS A 284 40.57 -9.38 -10.41
C LYS A 284 39.44 -10.10 -9.70
N LEU A 285 38.23 -10.03 -10.28
CA LEU A 285 37.05 -10.74 -9.78
C LEU A 285 37.27 -12.25 -9.82
N HIS A 286 37.75 -12.73 -10.97
CA HIS A 286 38.12 -14.13 -11.20
C HIS A 286 39.06 -14.62 -10.09
N LEU A 287 40.13 -13.86 -9.85
CA LEU A 287 41.12 -14.23 -8.83
C LEU A 287 40.51 -14.25 -7.44
N LYS A 288 39.70 -13.25 -7.13
CA LYS A 288 39.00 -13.21 -5.85
C LYS A 288 38.12 -14.43 -5.62
N PHE A 289 37.28 -14.76 -6.60
CA PHE A 289 36.38 -15.90 -6.48
C PHE A 289 37.16 -17.22 -6.36
N ALA A 290 38.25 -17.32 -7.14
CA ALA A 290 39.04 -18.56 -7.26
C ALA A 290 39.64 -19.02 -5.93
N SER A 291 39.83 -18.10 -4.99
CA SER A 291 40.48 -18.44 -3.74
C SER A 291 39.55 -18.37 -2.51
N LEU A 292 38.26 -18.16 -2.74
CA LEU A 292 37.28 -18.23 -1.66
C LEU A 292 37.26 -19.63 -1.06
N LYS A 293 37.08 -19.73 0.26
CA LYS A 293 37.14 -21.01 0.96
C LYS A 293 35.74 -21.59 1.09
N ILE A 294 35.54 -22.77 0.52
CA ILE A 294 34.23 -23.44 0.57
C ILE A 294 34.27 -24.51 1.65
N GLY A 295 33.27 -24.55 2.53
CA GLY A 295 33.27 -25.63 3.51
C GLY A 295 32.28 -25.46 4.64
N ASP A 296 32.66 -25.99 5.79
CA ASP A 296 31.78 -26.02 6.96
C ASP A 296 31.52 -24.58 7.40
N PRO A 297 30.24 -24.15 7.37
CA PRO A 297 29.92 -22.76 7.76
C PRO A 297 30.16 -22.44 9.24
N MET A 298 30.35 -23.45 10.07
CA MET A 298 30.69 -23.19 11.47
C MET A 298 32.16 -22.80 11.64
N ALA A 299 32.98 -23.11 10.64
CA ALA A 299 34.41 -22.85 10.73
C ALA A 299 34.70 -21.41 10.33
N PRO A 300 35.40 -20.67 11.19
CA PRO A 300 35.65 -19.25 10.96
C PRO A 300 36.38 -18.93 9.65
N GLU A 301 37.16 -19.88 9.14
CA GLU A 301 37.89 -19.68 7.88
C GLU A 301 36.99 -19.81 6.63
N THR A 302 35.79 -20.35 6.80
CA THR A 302 34.89 -20.56 5.66
C THR A 302 34.30 -19.28 5.09
N ASP A 303 34.41 -19.09 3.77
CA ASP A 303 33.75 -18.00 3.06
C ASP A 303 32.36 -18.42 2.54
N ILE A 304 32.28 -19.63 2.01
CA ILE A 304 31.10 -20.13 1.31
C ILE A 304 30.64 -21.43 1.96
N GLY A 305 29.46 -21.40 2.59
CA GLY A 305 28.83 -22.62 3.07
C GLY A 305 27.95 -23.23 1.98
N PRO A 306 27.16 -24.26 2.35
CA PRO A 306 26.29 -24.89 1.38
C PRO A 306 25.10 -23.99 1.08
N LEU A 307 24.44 -24.18 -0.06
CA LEU A 307 23.15 -23.55 -0.30
C LEU A 307 22.12 -24.14 0.67
N ALA A 308 21.01 -23.43 0.88
CA ALA A 308 20.13 -23.75 2.02
C ALA A 308 19.35 -25.06 1.91
N THR A 309 19.03 -25.46 0.69
CA THR A 309 18.23 -26.67 0.49
C THR A 309 18.60 -27.37 -0.80
N GLU A 310 18.19 -28.62 -0.91
CA GLU A 310 18.39 -29.38 -2.15
C GLU A 310 17.75 -28.69 -3.37
N GLY A 311 16.54 -28.14 -3.18
CA GLY A 311 15.83 -27.39 -4.24
C GLY A 311 16.59 -26.19 -4.78
N ILE A 312 17.16 -25.40 -3.88
CA ILE A 312 17.97 -24.24 -4.25
C ILE A 312 19.19 -24.68 -5.08
N LEU A 313 19.82 -25.77 -4.67
CA LEU A 313 20.93 -26.35 -5.41
C LEU A 313 20.49 -26.81 -6.82
N GLN A 314 19.34 -27.49 -6.89
CA GLN A 314 18.89 -28.02 -8.17
C GLN A 314 18.55 -26.90 -9.14
N ASP A 315 17.95 -25.84 -8.59
CA ASP A 315 17.59 -24.64 -9.36
C ASP A 315 18.79 -24.02 -10.03
N ILE A 316 19.82 -23.67 -9.25
CA ILE A 316 20.97 -22.99 -9.84
C ILE A 316 21.70 -23.91 -10.82
N SER A 317 21.78 -25.18 -10.46
CA SER A 317 22.49 -26.16 -11.29
C SER A 317 21.86 -26.17 -12.68
N ARG A 318 20.53 -26.16 -12.69
CA ARG A 318 19.74 -26.24 -13.93
C ARG A 318 19.93 -24.96 -14.73
N GLN A 319 19.81 -23.82 -14.04
CA GLN A 319 19.92 -22.49 -14.66
C GLN A 319 21.27 -22.31 -15.35
N VAL A 320 22.35 -22.63 -14.62
CA VAL A 320 23.70 -22.51 -15.17
C VAL A 320 23.93 -23.49 -16.34
N ASP A 321 23.60 -24.76 -16.15
CA ASP A 321 23.73 -25.75 -17.23
C ASP A 321 23.04 -25.30 -18.53
N GLN A 322 21.86 -24.70 -18.38
CA GLN A 322 21.08 -24.27 -19.54
C GLN A 322 21.73 -23.08 -20.23
N ALA A 323 22.22 -22.13 -19.44
CA ALA A 323 22.98 -21.00 -20.00
C ALA A 323 24.25 -21.45 -20.73
N VAL A 324 24.96 -22.41 -20.14
CA VAL A 324 26.18 -22.92 -20.75
C VAL A 324 25.88 -23.67 -22.07
N ALA A 325 24.80 -24.46 -22.07
CA ALA A 325 24.39 -25.17 -23.29
C ALA A 325 24.03 -24.22 -24.43
N ALA A 326 23.54 -23.04 -24.07
CA ALA A 326 23.19 -21.98 -25.03
C ALA A 326 24.39 -21.17 -25.50
N GLY A 327 25.54 -21.32 -24.83
CA GLY A 327 26.78 -20.72 -25.30
C GLY A 327 27.49 -19.78 -24.32
N ALA A 328 26.91 -19.59 -23.14
CA ALA A 328 27.58 -18.84 -22.07
C ALA A 328 28.89 -19.55 -21.74
N LYS A 329 29.91 -18.76 -21.41
CA LYS A 329 31.20 -19.32 -21.05
C LYS A 329 31.37 -19.36 -19.53
N ILE A 330 31.90 -20.47 -19.04
CA ILE A 330 32.22 -20.62 -17.62
C ILE A 330 33.67 -20.19 -17.42
N LEU A 331 33.86 -19.08 -16.70
CA LEU A 331 35.20 -18.62 -16.33
C LEU A 331 35.72 -19.36 -15.09
N LEU A 332 34.79 -19.71 -14.19
CA LEU A 332 35.11 -20.42 -12.96
C LEU A 332 33.86 -21.14 -12.45
N GLY A 333 34.03 -22.31 -11.84
CA GLY A 333 32.92 -23.01 -11.19
C GLY A 333 31.96 -23.65 -12.17
N GLY A 334 30.66 -23.52 -11.90
CA GLY A 334 29.64 -23.91 -12.88
C GLY A 334 29.15 -25.34 -12.79
N ARG A 335 29.49 -26.04 -11.71
CA ARG A 335 28.94 -27.37 -11.42
C ARG A 335 28.92 -27.60 -9.91
N PRO A 336 27.88 -28.30 -9.41
CA PRO A 336 27.82 -28.59 -7.97
C PRO A 336 29.03 -29.43 -7.54
N LEU A 337 29.44 -29.28 -6.29
CA LEU A 337 30.59 -30.03 -5.80
C LEU A 337 30.21 -31.47 -5.44
N ASP A 338 31.16 -32.39 -5.61
CA ASP A 338 30.96 -33.80 -5.29
C ASP A 338 31.32 -34.04 -3.83
N ARG A 339 30.45 -33.56 -2.95
CA ARG A 339 30.63 -33.71 -1.51
C ARG A 339 29.26 -33.67 -0.82
N ALA A 340 29.21 -34.19 0.40
CA ALA A 340 28.02 -34.13 1.23
C ALA A 340 27.57 -32.67 1.41
N GLY A 341 26.25 -32.49 1.49
CA GLY A 341 25.67 -31.16 1.66
C GLY A 341 25.45 -30.45 0.34
N TYR A 342 24.74 -29.33 0.38
CA TYR A 342 24.24 -28.71 -0.85
C TYR A 342 25.19 -27.65 -1.40
N PHE A 343 26.42 -28.06 -1.66
CA PHE A 343 27.49 -27.12 -2.05
C PHE A 343 27.49 -26.79 -3.54
N TYR A 344 27.53 -25.50 -3.83
CA TYR A 344 27.72 -24.97 -5.19
C TYR A 344 28.86 -23.95 -5.16
N PRO A 345 29.81 -24.04 -6.10
CA PRO A 345 31.01 -23.21 -6.01
C PRO A 345 30.78 -21.81 -6.55
N PRO A 346 31.58 -20.84 -6.07
CA PRO A 346 31.62 -19.53 -6.73
C PRO A 346 31.82 -19.72 -8.24
N THR A 347 31.00 -19.02 -9.02
CA THR A 347 30.92 -19.25 -10.46
C THR A 347 30.87 -17.88 -11.14
N ILE A 348 31.55 -17.77 -12.28
CA ILE A 348 31.48 -16.58 -13.11
C ILE A 348 31.12 -17.00 -14.53
N LEU A 349 30.05 -16.40 -15.05
CA LEU A 349 29.61 -16.64 -16.44
C LEU A 349 29.81 -15.39 -17.27
N THR A 350 30.36 -15.58 -18.47
CA THR A 350 30.63 -14.47 -19.39
C THR A 350 30.06 -14.77 -20.78
N GLU A 351 30.07 -13.75 -21.64
CA GLU A 351 29.61 -13.87 -23.03
C GLU A 351 28.28 -14.62 -23.12
N ILE A 352 27.33 -14.19 -22.30
CA ILE A 352 26.02 -14.80 -22.29
C ILE A 352 25.30 -14.35 -23.57
N PRO A 353 24.76 -15.31 -24.33
CA PRO A 353 24.17 -14.97 -25.63
C PRO A 353 22.96 -14.06 -25.44
N PRO A 354 22.77 -13.08 -26.33
CA PRO A 354 21.59 -12.22 -26.27
C PRO A 354 20.33 -13.08 -26.24
N GLY A 355 19.36 -12.68 -25.43
CA GLY A 355 18.10 -13.42 -25.30
C GLY A 355 18.19 -14.75 -24.58
N ALA A 356 19.34 -15.08 -24.01
CA ALA A 356 19.44 -16.26 -23.14
C ALA A 356 18.46 -16.12 -21.98
N LYS A 357 17.83 -17.23 -21.61
CA LYS A 357 16.81 -17.21 -20.57
C LYS A 357 17.33 -16.70 -19.21
N ILE A 358 18.59 -17.03 -18.91
CA ILE A 358 19.17 -16.71 -17.60
C ILE A 358 19.23 -15.18 -17.36
N LEU A 359 19.26 -14.41 -18.44
CA LEU A 359 19.38 -12.95 -18.35
C LEU A 359 18.22 -12.32 -17.56
N GLN A 360 17.08 -13.00 -17.53
CA GLN A 360 15.87 -12.50 -16.88
C GLN A 360 15.59 -13.16 -15.52
N GLU A 361 16.46 -14.08 -15.10
CA GLU A 361 16.21 -14.89 -13.91
C GLU A 361 17.08 -14.44 -12.74
N GLU A 362 16.61 -14.69 -11.51
CA GLU A 362 17.38 -14.42 -10.30
C GLU A 362 18.27 -15.61 -9.97
N LEU A 363 19.58 -15.35 -9.83
CA LEU A 363 20.54 -16.39 -9.48
C LEU A 363 20.81 -16.36 -7.97
N PHE A 364 20.15 -17.25 -7.25
CA PHE A 364 20.19 -17.27 -5.79
C PHE A 364 21.26 -18.27 -5.32
N ALA A 365 22.51 -17.88 -5.55
CA ALA A 365 23.69 -18.70 -5.36
C ALA A 365 24.87 -17.83 -5.80
N PRO A 366 26.11 -18.23 -5.47
CA PRO A 366 27.25 -17.35 -5.72
C PRO A 366 27.73 -17.37 -7.18
N VAL A 367 26.84 -16.92 -8.07
CA VAL A 367 27.05 -17.05 -9.52
C VAL A 367 26.91 -15.66 -10.15
N ALA A 368 28.05 -15.11 -10.58
CA ALA A 368 28.09 -13.80 -11.19
C ALA A 368 27.87 -13.90 -12.70
N MET A 369 26.94 -13.09 -13.22
CA MET A 369 26.85 -12.86 -14.66
C MET A 369 27.61 -11.58 -14.95
N VAL A 370 28.46 -11.62 -15.99
CA VAL A 370 29.32 -10.48 -16.32
C VAL A 370 29.07 -10.00 -17.74
N PHE A 371 29.02 -8.67 -17.89
CA PHE A 371 28.65 -7.99 -19.14
C PHE A 371 29.61 -6.85 -19.38
N THR A 372 29.93 -6.62 -20.65
CA THR A 372 30.74 -5.48 -21.07
C THR A 372 29.84 -4.50 -21.85
N VAL A 373 29.96 -3.22 -21.54
CA VAL A 373 29.20 -2.21 -22.24
C VAL A 373 30.11 -1.07 -22.67
N LYS A 374 29.66 -0.30 -23.65
CA LYS A 374 30.51 0.75 -24.25
C LYS A 374 30.33 2.13 -23.62
N ASP A 375 29.16 2.38 -23.03
CA ASP A 375 28.85 3.71 -22.50
C ASP A 375 27.74 3.68 -21.48
N LEU A 376 27.45 4.86 -20.94
CA LEU A 376 26.45 5.03 -19.89
C LEU A 376 25.03 4.65 -20.34
N ASP A 377 24.64 5.09 -21.53
CA ASP A 377 23.33 4.73 -22.08
C ASP A 377 23.14 3.21 -22.12
N GLN A 378 24.16 2.50 -22.60
CA GLN A 378 24.09 1.04 -22.67
C GLN A 378 24.03 0.41 -21.28
N ALA A 379 24.79 0.98 -20.34
CA ALA A 379 24.85 0.45 -18.96
C ALA A 379 23.49 0.53 -18.30
N ILE A 380 22.84 1.70 -18.44
CA ILE A 380 21.54 1.95 -17.83
C ILE A 380 20.46 1.03 -18.45
N ALA A 381 20.46 0.95 -19.78
CA ALA A 381 19.48 0.11 -20.48
C ALA A 381 19.60 -1.36 -20.05
N LEU A 382 20.84 -1.84 -19.94
CA LEU A 382 21.08 -3.22 -19.52
C LEU A 382 20.72 -3.45 -18.04
N ALA A 383 21.10 -2.51 -17.19
CA ALA A 383 20.83 -2.60 -15.75
C ALA A 383 19.32 -2.73 -15.51
N ASN A 384 18.54 -2.01 -16.34
CA ASN A 384 17.09 -1.96 -16.17
C ASN A 384 16.34 -3.05 -16.95
N ASP A 385 17.05 -3.82 -17.76
CA ASP A 385 16.43 -4.82 -18.66
C ASP A 385 16.13 -6.13 -17.94
N ILE A 386 15.37 -6.01 -16.84
CA ILE A 386 14.98 -7.11 -15.98
C ILE A 386 13.55 -6.83 -15.47
N PRO A 387 12.83 -7.90 -15.05
CA PRO A 387 11.52 -7.63 -14.45
C PRO A 387 11.60 -7.03 -13.04
N PHE A 388 12.74 -7.22 -12.38
CA PHE A 388 12.92 -6.81 -10.99
C PHE A 388 13.38 -5.36 -10.90
N GLY A 389 13.45 -4.85 -9.68
CA GLY A 389 14.00 -3.51 -9.46
C GLY A 389 14.21 -3.27 -7.97
N LEU A 390 15.08 -4.04 -7.35
CA LEU A 390 15.21 -3.90 -5.91
C LEU A 390 16.34 -2.93 -5.61
N GLY A 391 17.60 -3.38 -5.77
CA GLY A 391 18.73 -2.49 -5.56
C GLY A 391 19.58 -2.28 -6.81
N ALA A 392 20.50 -1.34 -6.72
CA ALA A 392 21.49 -1.16 -7.78
C ALA A 392 22.69 -0.46 -7.21
N SER A 393 23.86 -0.87 -7.69
CA SER A 393 25.13 -0.29 -7.26
C SER A 393 25.87 0.19 -8.50
N ALA A 394 26.46 1.38 -8.40
CA ALA A 394 27.25 1.94 -9.52
C ALA A 394 28.48 2.63 -8.98
N TRP A 395 29.59 2.43 -9.69
CA TRP A 395 30.94 2.89 -9.29
C TRP A 395 31.53 3.84 -10.30
N THR A 396 31.70 5.09 -9.88
CA THR A 396 32.22 6.16 -10.74
C THR A 396 32.50 7.35 -9.84
N ASN A 397 33.53 8.11 -10.19
CA ASN A 397 33.84 9.34 -9.47
C ASN A 397 33.56 10.58 -10.32
N ASP A 398 32.81 10.39 -11.39
CA ASP A 398 32.37 11.51 -12.22
C ASP A 398 30.99 11.97 -11.73
N PRO A 399 30.91 13.20 -11.20
CA PRO A 399 29.62 13.69 -10.66
C PRO A 399 28.42 13.53 -11.61
N ALA A 400 28.62 13.86 -12.89
CA ALA A 400 27.52 13.79 -13.86
C ALA A 400 27.04 12.35 -14.05
N GLU A 401 27.98 11.41 -14.15
CA GLU A 401 27.65 9.99 -14.24
C GLU A 401 26.92 9.53 -12.97
N GLN A 402 27.42 9.94 -11.80
CA GLN A 402 26.75 9.58 -10.56
C GLN A 402 25.29 9.97 -10.59
N GLN A 403 25.03 11.20 -11.05
CA GLN A 403 23.66 11.72 -11.08
C GLN A 403 22.78 10.96 -12.07
N ARG A 404 23.32 10.61 -13.25
CA ARG A 404 22.59 9.77 -14.19
C ARG A 404 22.24 8.41 -13.59
N PHE A 405 23.20 7.76 -12.91
CA PHE A 405 22.90 6.49 -12.26
C PHE A 405 21.79 6.63 -11.20
N ILE A 406 21.94 7.63 -10.34
CA ILE A 406 20.93 7.90 -9.31
C ILE A 406 19.53 8.11 -9.90
N GLN A 407 19.45 8.93 -10.95
CA GLN A 407 18.17 9.27 -11.55
C GLN A 407 17.56 8.12 -12.36
N GLU A 408 18.40 7.41 -13.10
CA GLU A 408 17.94 6.54 -14.17
C GLU A 408 17.89 5.04 -13.87
N LEU A 409 18.61 4.58 -12.86
CA LEU A 409 18.53 3.16 -12.49
C LEU A 409 17.16 2.88 -11.87
N ASP A 410 16.45 1.91 -12.44
CA ASP A 410 15.09 1.60 -12.01
C ASP A 410 15.10 0.64 -10.84
N ALA A 411 15.31 1.19 -9.66
CA ALA A 411 15.45 0.38 -8.45
C ALA A 411 14.96 1.16 -7.24
N GLY A 412 14.58 0.44 -6.20
CA GLY A 412 14.19 1.04 -4.93
C GLY A 412 15.34 1.65 -4.14
N ALA A 413 16.58 1.24 -4.45
CA ALA A 413 17.74 1.78 -3.75
C ALA A 413 18.88 1.87 -4.73
N VAL A 414 19.55 3.02 -4.75
CA VAL A 414 20.75 3.18 -5.56
C VAL A 414 21.94 3.58 -4.72
N PHE A 415 22.97 2.73 -4.74
CA PHE A 415 24.21 2.98 -3.98
C PHE A 415 25.32 3.36 -4.94
N ILE A 416 25.97 4.48 -4.65
CA ILE A 416 27.10 4.97 -5.45
C ILE A 416 28.41 4.74 -4.69
N ASN A 417 29.33 4.00 -5.31
CA ASN A 417 30.62 3.61 -4.72
C ASN A 417 30.51 2.81 -3.43
N GLY A 418 29.49 1.95 -3.36
CA GLY A 418 29.35 1.02 -2.24
C GLY A 418 28.34 -0.04 -2.63
N MET A 419 28.35 -1.16 -1.91
CA MET A 419 27.35 -2.20 -2.17
C MET A 419 26.04 -1.84 -1.48
N VAL A 420 24.93 -2.27 -2.08
CA VAL A 420 23.62 -2.04 -1.49
C VAL A 420 23.51 -2.76 -0.14
N LYS A 421 23.04 -2.02 0.88
CA LYS A 421 22.78 -2.60 2.20
C LYS A 421 21.50 -1.99 2.73
N SER A 422 20.78 -2.77 3.54
CA SER A 422 19.70 -2.20 4.32
C SER A 422 20.29 -1.64 5.61
N ASP A 423 19.69 -0.56 6.08
CA ASP A 423 20.14 0.16 7.27
C ASP A 423 18.85 0.64 7.95
N PRO A 424 18.69 0.33 9.25
CA PRO A 424 17.44 0.76 9.91
C PRO A 424 17.09 2.24 9.74
N ARG A 425 18.09 3.08 9.54
CA ARG A 425 17.87 4.52 9.48
C ARG A 425 17.24 5.02 8.20
N LEU A 426 17.26 4.18 7.15
CA LEU A 426 16.74 4.56 5.83
C LEU A 426 15.68 3.57 5.39
N PRO A 427 14.64 4.05 4.70
CA PRO A 427 13.65 3.08 4.19
C PRO A 427 14.27 2.12 3.17
N PHE A 428 13.62 0.97 2.99
CA PHE A 428 14.13 -0.09 2.13
C PHE A 428 12.97 -0.81 1.45
N GLY A 429 13.01 -0.89 0.12
CA GLY A 429 12.02 -1.68 -0.58
C GLY A 429 12.23 -1.68 -2.08
N GLY A 430 11.36 -2.39 -2.78
CA GLY A 430 11.53 -2.62 -4.21
C GLY A 430 10.57 -1.85 -5.08
N THR A 431 10.79 -1.99 -6.37
CA THR A 431 9.90 -1.45 -7.40
C THR A 431 9.72 -2.53 -8.43
N LYS A 432 8.85 -2.28 -9.41
CA LYS A 432 8.64 -3.26 -10.48
C LYS A 432 8.25 -4.61 -9.85
N ARG A 433 8.78 -5.74 -10.37
CA ARG A 433 8.39 -7.05 -9.82
C ARG A 433 9.06 -7.40 -8.49
N SER A 434 9.89 -6.49 -7.98
CA SER A 434 10.55 -6.68 -6.66
C SER A 434 9.67 -6.28 -5.47
N GLY A 435 8.48 -5.75 -5.76
CA GLY A 435 7.49 -5.43 -4.74
C GLY A 435 7.17 -3.96 -4.61
N TYR A 436 6.66 -3.60 -3.43
CA TYR A 436 6.16 -2.26 -3.16
C TYR A 436 6.04 -2.09 -1.65
N GLY A 437 5.95 -0.83 -1.21
CA GLY A 437 6.02 -0.50 0.20
C GLY A 437 7.45 -0.44 0.69
N ARG A 438 7.63 0.14 1.87
CA ARG A 438 8.97 0.36 2.43
C ARG A 438 9.02 -0.07 3.88
N GLU A 439 10.04 -0.88 4.19
CA GLU A 439 10.38 -1.22 5.56
C GLU A 439 11.47 -0.28 6.02
N LEU A 440 11.68 -0.21 7.34
CA LEU A 440 12.75 0.61 7.96
C LEU A 440 12.49 2.13 7.86
N GLY A 441 13.35 2.90 8.55
CA GLY A 441 13.16 4.34 8.69
C GLY A 441 11.78 4.69 9.24
N LEU A 442 11.33 5.91 8.94
CA LEU A 442 9.99 6.34 9.33
C LEU A 442 8.95 5.48 8.61
N ALA A 443 9.20 5.22 7.33
CA ALA A 443 8.27 4.43 6.51
C ALA A 443 7.85 3.12 7.15
N GLY A 444 8.82 2.42 7.75
CA GLY A 444 8.61 1.10 8.35
C GLY A 444 7.50 1.09 9.38
N ILE A 445 7.49 2.12 10.23
CA ILE A 445 6.51 2.12 11.32
C ILE A 445 5.17 2.73 10.89
N ARG A 446 5.18 3.46 9.79
CA ARG A 446 3.96 4.06 9.25
C ARG A 446 3.12 3.12 8.37
N THR A 447 3.70 1.98 7.99
CA THR A 447 3.02 1.08 7.05
C THR A 447 1.73 0.46 7.58
N PHE A 448 1.75 -0.02 8.82
CA PHE A 448 0.64 -0.81 9.36
C PHE A 448 -0.07 -0.09 10.50
N VAL A 449 -0.36 1.18 10.24
CA VAL A 449 -1.19 1.98 11.14
C VAL A 449 -2.35 2.61 10.40
N ASN A 450 -3.41 2.88 11.14
CA ASN A 450 -4.45 3.78 10.68
C ASN A 450 -3.97 5.21 10.89
N ALA A 451 -3.69 5.89 9.78
CA ALA A 451 -3.43 7.32 9.81
C ALA A 451 -4.80 8.01 9.85
N LYS A 452 -5.22 8.34 11.07
CA LYS A 452 -6.56 8.83 11.33
C LYS A 452 -6.55 10.36 11.32
N THR A 453 -7.30 10.94 10.39
CA THR A 453 -7.47 12.39 10.37
C THR A 453 -8.48 12.81 11.44
N VAL A 454 -8.10 13.80 12.25
CA VAL A 454 -8.96 14.30 13.31
C VAL A 454 -9.23 15.79 13.09
N TRP A 455 -10.50 16.16 13.16
CA TRP A 455 -10.90 17.56 12.98
C TRP A 455 -11.87 17.95 14.08
N LEU A 456 -11.50 18.93 14.90
CA LEU A 456 -12.32 19.36 16.02
C LEU A 456 -12.66 20.82 15.81
N LYS A 457 -13.97 21.11 15.75
CA LYS A 457 -14.43 22.45 15.42
C LYS A 457 -13.87 23.46 16.43
N ALA B 5 -24.51 0.21 -22.82
CA ALA B 5 -23.88 0.16 -21.46
C ALA B 5 -23.22 1.50 -21.10
N ILE B 6 -22.27 1.95 -21.92
CA ILE B 6 -21.69 3.27 -21.69
C ILE B 6 -22.64 4.27 -22.32
N ALA B 7 -23.33 5.02 -21.47
CA ALA B 7 -24.36 5.94 -21.94
C ALA B 7 -24.70 6.98 -20.88
N THR B 8 -25.16 8.13 -21.36
CA THR B 8 -25.81 9.12 -20.52
C THR B 8 -27.30 8.81 -20.48
N ILE B 9 -27.80 8.49 -19.30
CA ILE B 9 -29.24 8.31 -19.10
C ILE B 9 -29.60 9.30 -18.01
N ASN B 10 -30.41 10.29 -18.34
CA ASN B 10 -30.75 11.36 -17.39
C ASN B 10 -31.66 10.79 -16.30
N PRO B 11 -31.19 10.76 -15.04
CA PRO B 11 -32.01 10.12 -14.00
C PRO B 11 -33.24 10.92 -13.57
N THR B 12 -33.34 12.18 -14.02
CA THR B 12 -34.51 13.00 -13.71
C THR B 12 -35.70 12.60 -14.58
N THR B 13 -35.41 12.10 -15.78
CA THR B 13 -36.47 11.81 -16.76
C THR B 13 -36.46 10.36 -17.22
N GLY B 14 -35.34 9.67 -17.04
CA GLY B 14 -35.15 8.32 -17.58
C GLY B 14 -34.74 8.29 -19.05
N GLU B 15 -34.59 9.47 -19.66
CA GLU B 15 -34.24 9.60 -21.08
C GLU B 15 -32.82 9.11 -21.38
N ILE B 16 -32.66 8.25 -22.38
CA ILE B 16 -31.32 7.92 -22.88
C ILE B 16 -30.89 9.06 -23.80
N CYS B 17 -29.78 9.72 -23.45
CA CYS B 17 -29.36 10.96 -24.10
C CYS B 17 -28.26 10.78 -25.13
N GLN B 18 -27.26 9.96 -24.79
CA GLN B 18 -26.14 9.69 -25.68
C GLN B 18 -25.56 8.32 -25.37
N ARG B 19 -25.20 7.57 -26.41
CA ARG B 19 -24.57 6.26 -26.24
C ARG B 19 -23.14 6.36 -26.74
N PHE B 20 -22.24 5.61 -26.11
CA PHE B 20 -20.84 5.63 -26.50
C PHE B 20 -20.38 4.22 -26.80
N LYS B 21 -19.51 4.08 -27.79
CA LYS B 21 -18.91 2.79 -28.09
C LYS B 21 -17.74 2.49 -27.14
N ALA B 22 -17.71 1.29 -26.58
CA ALA B 22 -16.57 0.86 -25.75
C ALA B 22 -15.34 0.63 -26.61
N LEU B 23 -14.16 0.92 -26.06
CA LEU B 23 -12.90 0.63 -26.77
C LEU B 23 -12.74 -0.86 -26.97
N THR B 24 -12.14 -1.23 -28.09
CA THR B 24 -11.76 -2.63 -28.33
C THR B 24 -10.46 -2.91 -27.56
N PRO B 25 -10.13 -4.20 -27.37
CA PRO B 25 -8.84 -4.55 -26.74
C PRO B 25 -7.63 -3.88 -27.43
N ALA B 26 -7.64 -3.85 -28.78
CA ALA B 26 -6.57 -3.22 -29.56
C ALA B 26 -6.48 -1.72 -29.28
N GLU B 27 -7.63 -1.07 -29.17
CA GLU B 27 -7.67 0.37 -28.89
C GLU B 27 -7.13 0.68 -27.50
N ILE B 28 -7.46 -0.16 -26.53
CA ILE B 28 -6.90 0.00 -25.17
C ILE B 28 -5.37 -0.11 -25.25
N ASP B 29 -4.90 -1.15 -25.92
CA ASP B 29 -3.45 -1.36 -26.06
C ASP B 29 -2.76 -0.15 -26.70
N ALA B 30 -3.42 0.44 -27.71
CA ALA B 30 -2.90 1.65 -28.38
C ALA B 30 -2.80 2.84 -27.42
N LYS B 31 -3.81 3.02 -26.57
CA LYS B 31 -3.75 4.10 -25.59
C LYS B 31 -2.65 3.90 -24.55
N LEU B 32 -2.44 2.64 -24.15
CA LEU B 32 -1.35 2.33 -23.22
C LEU B 32 0.03 2.57 -23.84
N ALA B 33 0.17 2.23 -25.12
CA ALA B 33 1.41 2.48 -25.86
C ALA B 33 1.69 3.99 -25.89
N LYS B 34 0.65 4.76 -26.17
CA LYS B 34 0.79 6.22 -26.16
C LYS B 34 1.14 6.76 -24.78
N ALA B 35 0.49 6.22 -23.76
CA ALA B 35 0.76 6.65 -22.38
C ALA B 35 2.20 6.38 -22.01
N GLN B 36 2.73 5.23 -22.42
CA GLN B 36 4.10 4.84 -22.10
C GLN B 36 5.11 5.79 -22.75
N GLU B 37 4.89 6.12 -24.02
CA GLU B 37 5.74 7.07 -24.73
C GLU B 37 5.65 8.46 -24.11
N ALA B 38 4.43 8.89 -23.77
CA ALA B 38 4.19 10.18 -23.13
C ALA B 38 4.90 10.26 -21.78
N PHE B 39 4.89 9.16 -21.03
CA PHE B 39 5.55 9.12 -19.73
C PHE B 39 7.05 9.39 -19.84
N GLN B 40 7.69 8.81 -20.85
CA GLN B 40 9.15 9.00 -21.06
C GLN B 40 9.55 10.48 -21.15
N ALA B 41 8.73 11.27 -21.84
CA ALA B 41 8.96 12.71 -21.96
C ALA B 41 8.43 13.46 -20.75
N TYR B 42 7.26 13.07 -20.27
CA TYR B 42 6.60 13.80 -19.19
C TYR B 42 7.37 13.75 -17.87
N ARG B 43 8.03 12.63 -17.59
CA ARG B 43 8.76 12.48 -16.33
C ARG B 43 9.94 13.46 -16.29
N ARG B 44 10.31 13.98 -17.46
CA ARG B 44 11.44 14.91 -17.59
C ARG B 44 11.04 16.38 -17.50
N THR B 45 9.73 16.66 -17.50
CA THR B 45 9.24 18.03 -17.36
C THR B 45 9.57 18.56 -15.97
N SER B 46 9.68 19.88 -15.84
CA SER B 46 10.01 20.47 -14.56
C SER B 46 8.78 20.58 -13.69
N PHE B 47 8.99 20.70 -12.38
CA PHE B 47 7.88 20.98 -11.46
C PHE B 47 7.22 22.32 -11.79
N SER B 48 7.99 23.30 -12.24
CA SER B 48 7.36 24.58 -12.58
C SER B 48 6.42 24.45 -13.80
N GLN B 49 6.80 23.60 -14.75
CA GLN B 49 5.96 23.28 -15.89
C GLN B 49 4.64 22.59 -15.49
N ARG B 50 4.74 21.57 -14.65
CA ARG B 50 3.55 20.87 -14.17
C ARG B 50 2.65 21.80 -13.38
N ARG B 51 3.26 22.69 -12.60
CA ARG B 51 2.51 23.67 -11.81
C ARG B 51 1.69 24.59 -12.74
N GLN B 52 2.33 25.05 -13.82
CA GLN B 52 1.64 25.89 -14.81
C GLN B 52 0.40 25.18 -15.38
N TRP B 53 0.59 23.94 -15.82
CA TRP B 53 -0.49 23.19 -16.42
C TRP B 53 -1.62 22.89 -15.42
N LEU B 54 -1.26 22.52 -14.19
CA LEU B 54 -2.27 22.28 -13.16
C LEU B 54 -3.04 23.53 -12.79
N GLU B 55 -2.33 24.65 -12.67
CA GLU B 55 -2.99 25.94 -12.41
C GLU B 55 -3.91 26.31 -13.57
N ASN B 56 -3.49 25.99 -14.80
CA ASN B 56 -4.36 26.22 -15.96
C ASN B 56 -5.65 25.42 -15.83
N ALA B 57 -5.50 24.15 -15.44
CA ALA B 57 -6.68 23.29 -15.24
C ALA B 57 -7.60 23.87 -14.16
N ALA B 58 -7.00 24.33 -13.06
CA ALA B 58 -7.77 24.96 -11.99
C ALA B 58 -8.57 26.16 -12.53
N ALA B 59 -7.92 26.99 -13.33
CA ALA B 59 -8.57 28.17 -13.90
C ALA B 59 -9.71 27.82 -14.86
N ILE B 60 -9.55 26.72 -15.60
CA ILE B 60 -10.60 26.22 -16.49
C ILE B 60 -11.83 25.82 -15.68
N LEU B 61 -11.60 25.06 -14.60
CA LEU B 61 -12.67 24.62 -13.73
C LEU B 61 -13.35 25.83 -13.09
N GLU B 62 -12.55 26.78 -12.62
CA GLU B 62 -13.06 27.97 -11.93
C GLU B 62 -13.93 28.82 -12.82
N ARG B 63 -13.54 28.94 -14.10
CA ARG B 63 -14.25 29.77 -15.05
C ARG B 63 -15.59 29.14 -15.44
N ASP B 64 -15.63 27.83 -15.62
CA ASP B 64 -16.84 27.20 -16.14
C ASP B 64 -17.51 26.22 -15.20
N THR B 65 -17.54 26.57 -13.91
CA THR B 65 -18.16 25.70 -12.92
C THR B 65 -19.58 25.34 -13.33
N SER B 66 -20.36 26.32 -13.80
CA SER B 66 -21.77 26.09 -14.10
C SER B 66 -21.96 25.11 -15.26
N LYS B 67 -21.15 25.26 -16.31
CA LYS B 67 -21.18 24.38 -17.48
C LYS B 67 -20.84 22.95 -17.08
N PHE B 68 -19.73 22.79 -16.37
CA PHE B 68 -19.34 21.45 -15.88
C PHE B 68 -20.37 20.85 -14.94
N ALA B 69 -20.91 21.68 -14.04
CA ALA B 69 -21.95 21.23 -13.10
C ALA B 69 -23.19 20.68 -13.83
N GLU B 70 -23.57 21.33 -14.94
CA GLU B 70 -24.72 20.89 -15.72
C GLU B 70 -24.46 19.50 -16.31
N ILE B 71 -23.21 19.21 -16.72
CA ILE B 71 -22.89 17.87 -17.22
C ILE B 71 -23.13 16.86 -16.10
N MET B 72 -22.59 17.16 -14.93
CA MET B 72 -22.71 16.27 -13.77
C MET B 72 -24.19 16.01 -13.43
N THR B 73 -24.96 17.09 -13.33
CA THR B 73 -26.39 17.00 -12.99
C THR B 73 -27.16 16.22 -14.04
N THR B 74 -26.89 16.50 -15.31
CA THR B 74 -27.52 15.76 -16.41
C THR B 74 -27.28 14.24 -16.32
N GLU B 75 -26.03 13.84 -16.08
CA GLU B 75 -25.66 12.42 -16.13
C GLU B 75 -26.04 11.64 -14.88
N MET B 76 -25.93 12.28 -13.73
CA MET B 76 -26.08 11.52 -12.48
C MET B 76 -26.94 12.14 -11.37
N GLY B 77 -27.55 13.31 -11.64
CA GLY B 77 -28.69 13.77 -10.85
C GLY B 77 -28.45 14.61 -9.60
N LYS B 78 -27.20 14.85 -9.25
CA LYS B 78 -26.91 15.70 -8.09
C LYS B 78 -27.37 17.13 -8.41
N THR B 79 -27.71 17.89 -7.39
CA THR B 79 -28.22 19.26 -7.63
C THR B 79 -27.13 20.05 -8.36
N HIS B 80 -27.57 20.93 -9.26
CA HIS B 80 -26.66 21.77 -10.02
C HIS B 80 -25.80 22.62 -9.07
N GLN B 81 -26.41 23.11 -7.98
CA GLN B 81 -25.65 23.87 -7.00
C GLN B 81 -24.54 23.03 -6.33
N SER B 82 -24.84 21.78 -5.97
CA SER B 82 -23.81 20.91 -5.36
C SER B 82 -22.73 20.54 -6.39
N ALA B 83 -23.12 20.43 -7.66
CA ALA B 83 -22.15 20.18 -8.73
C ALA B 83 -21.22 21.38 -8.97
N ILE B 84 -21.76 22.58 -8.81
CA ILE B 84 -20.92 23.79 -8.88
C ILE B 84 -19.85 23.70 -7.78
N ALA B 85 -20.28 23.37 -6.56
CA ALA B 85 -19.38 23.19 -5.43
C ALA B 85 -18.31 22.14 -5.74
N GLU B 86 -18.72 21.06 -6.42
CA GLU B 86 -17.79 19.99 -6.76
C GLU B 86 -16.72 20.46 -7.74
N ALA B 87 -17.13 21.24 -8.72
CA ALA B 87 -16.21 21.81 -9.68
C ALA B 87 -15.22 22.76 -8.97
N GLU B 88 -15.72 23.56 -8.03
CA GLU B 88 -14.84 24.44 -7.22
C GLU B 88 -13.81 23.63 -6.42
N LYS B 89 -14.26 22.53 -5.81
CA LYS B 89 -13.39 21.72 -4.99
C LYS B 89 -12.31 21.05 -5.85
N SER B 90 -12.71 20.64 -7.05
CA SER B 90 -11.80 20.06 -8.01
C SER B 90 -10.68 21.06 -8.35
N ALA B 91 -11.06 22.31 -8.61
CA ALA B 91 -10.05 23.37 -8.80
C ALA B 91 -9.12 23.52 -7.58
N LEU B 92 -9.71 23.43 -6.38
CA LEU B 92 -8.96 23.62 -5.15
C LEU B 92 -7.82 22.60 -5.01
N VAL B 93 -8.11 21.33 -5.31
CA VAL B 93 -7.10 20.26 -5.18
C VAL B 93 -6.03 20.41 -6.26
N CYS B 94 -6.42 20.90 -7.42
CA CYS B 94 -5.44 21.25 -8.46
C CYS B 94 -4.45 22.29 -7.95
N ARG B 95 -4.97 23.35 -7.35
CA ARG B 95 -4.11 24.42 -6.85
C ARG B 95 -3.26 23.92 -5.69
N TYR B 96 -3.83 23.06 -4.86
CA TYR B 96 -3.11 22.53 -3.70
C TYR B 96 -1.82 21.82 -4.12
N TYR B 97 -1.94 20.88 -5.07
CA TYR B 97 -0.75 20.16 -5.51
C TYR B 97 0.15 20.98 -6.41
N ALA B 98 -0.44 21.93 -7.15
CA ALA B 98 0.41 22.87 -7.92
C ALA B 98 1.32 23.62 -6.96
N GLU B 99 0.75 24.05 -5.83
CA GLU B 99 1.46 24.86 -4.85
C GLU B 99 2.46 24.05 -4.03
N HIS B 100 2.12 22.79 -3.71
CA HIS B 100 2.88 22.03 -2.72
C HIS B 100 3.67 20.84 -3.30
N GLY B 101 3.35 20.42 -4.52
CA GLY B 101 3.93 19.21 -5.10
C GLY B 101 5.45 19.18 -5.06
N GLU B 102 6.08 20.28 -5.46
CA GLU B 102 7.55 20.28 -5.50
C GLU B 102 8.15 20.03 -4.11
N GLN B 103 7.70 20.79 -3.12
CA GLN B 103 8.27 20.67 -1.77
C GLN B 103 7.93 19.33 -1.15
N PHE B 104 6.75 18.80 -1.50
CA PHE B 104 6.29 17.50 -1.00
C PHE B 104 7.12 16.35 -1.54
N LEU B 105 7.77 16.57 -2.69
CA LEU B 105 8.54 15.53 -3.36
C LEU B 105 10.05 15.76 -3.31
N ALA B 106 10.47 16.76 -2.53
CA ALA B 106 11.90 17.10 -2.43
C ALA B 106 12.65 16.01 -1.67
N ASN B 107 13.95 15.89 -1.96
CA ASN B 107 14.81 14.92 -1.26
C ASN B 107 14.68 15.07 0.25
N GLU B 108 14.61 13.94 0.96
CA GLU B 108 14.66 13.94 2.41
C GLU B 108 15.97 13.29 2.86
N TYR B 109 16.80 14.09 3.52
CA TYR B 109 18.15 13.66 3.90
C TYR B 109 18.15 13.05 5.29
N THR B 110 18.94 11.99 5.43
CA THR B 110 19.14 11.34 6.72
C THR B 110 20.63 11.22 6.95
N GLU B 111 21.11 11.68 8.11
CA GLU B 111 22.54 11.66 8.38
C GLU B 111 23.03 10.26 8.71
N THR B 112 24.01 9.80 7.93
CA THR B 112 24.70 8.54 8.19
C THR B 112 26.21 8.77 7.95
N GLN B 113 26.97 7.70 7.89
CA GLN B 113 28.38 7.83 7.53
C GLN B 113 28.58 8.08 6.01
N ALA B 114 27.52 7.95 5.22
CA ALA B 114 27.61 8.26 3.80
C ALA B 114 27.90 9.74 3.63
N THR B 115 28.64 10.10 2.59
CA THR B 115 28.70 11.52 2.18
C THR B 115 27.32 12.12 1.90
N GLU B 116 26.47 11.37 1.19
CA GLU B 116 25.06 11.74 0.98
C GLU B 116 24.22 10.50 1.22
N SER B 117 23.16 10.63 2.02
CA SER B 117 22.16 9.58 2.07
C SER B 117 20.80 10.23 2.20
N TYR B 118 19.89 9.82 1.33
CA TYR B 118 18.58 10.48 1.26
C TYR B 118 17.58 9.62 0.55
N VAL B 119 16.33 10.07 0.59
CA VAL B 119 15.27 9.43 -0.17
C VAL B 119 14.80 10.45 -1.20
N CYS B 120 14.73 10.03 -2.45
CA CYS B 120 14.11 10.89 -3.45
C CYS B 120 12.87 10.20 -3.96
N TYR B 121 12.04 10.96 -4.68
CA TYR B 121 10.69 10.51 -5.00
C TYR B 121 10.49 10.64 -6.49
N GLN B 122 10.40 9.50 -7.17
CA GLN B 122 10.27 9.50 -8.63
C GLN B 122 8.98 8.79 -9.06
N PRO B 123 8.38 9.24 -10.19
CA PRO B 123 7.11 8.63 -10.60
C PRO B 123 7.28 7.16 -11.02
N LEU B 124 6.19 6.39 -10.86
CA LEU B 124 6.18 4.96 -11.23
C LEU B 124 5.98 4.74 -12.71
N GLY B 125 5.11 5.55 -13.33
CA GLY B 125 4.79 5.37 -14.75
C GLY B 125 3.29 5.52 -14.96
N ILE B 126 2.71 4.60 -15.74
CA ILE B 126 1.26 4.64 -15.97
C ILE B 126 0.50 4.14 -14.73
N LEU B 127 -0.42 4.97 -14.26
CA LEU B 127 -1.35 4.64 -13.17
C LEU B 127 -2.74 4.43 -13.75
N LEU B 128 -3.40 3.36 -13.31
CA LEU B 128 -4.81 3.16 -13.63
C LEU B 128 -5.66 3.72 -12.50
N ALA B 129 -6.67 4.50 -12.86
CA ALA B 129 -7.66 4.98 -11.89
C ALA B 129 -9.04 4.50 -12.32
N VAL B 130 -9.73 3.86 -11.38
CA VAL B 130 -11.11 3.43 -11.60
C VAL B 130 -11.97 4.29 -10.66
N MET B 131 -12.93 5.01 -11.22
CA MET B 131 -13.66 6.02 -10.45
C MET B 131 -15.18 5.82 -10.53
N PRO B 132 -15.91 6.30 -9.51
CA PRO B 132 -17.37 6.12 -9.43
C PRO B 132 -18.16 7.34 -9.89
N TRP B 133 -19.45 7.15 -10.11
CA TRP B 133 -20.31 8.21 -10.65
C TRP B 133 -20.72 9.31 -9.66
N ASN B 134 -20.53 9.08 -8.35
CA ASN B 134 -21.17 9.93 -7.33
C ASN B 134 -20.56 11.34 -7.17
N PHE B 135 -19.25 11.45 -7.34
CA PHE B 135 -18.53 12.72 -7.44
C PHE B 135 -17.65 12.61 -8.68
N PRO B 136 -18.27 12.75 -9.86
CA PRO B 136 -17.58 12.38 -11.11
C PRO B 136 -16.43 13.29 -11.53
N PHE B 137 -16.34 14.48 -10.95
CA PHE B 137 -15.20 15.37 -11.20
C PHE B 137 -14.23 15.27 -10.02
N TRP B 138 -14.73 15.49 -8.82
CA TRP B 138 -13.90 15.56 -7.62
C TRP B 138 -13.05 14.30 -7.41
N GLN B 139 -13.64 13.11 -7.54
CA GLN B 139 -12.87 11.89 -7.29
C GLN B 139 -11.71 11.77 -8.29
N VAL B 140 -11.95 12.24 -9.50
CA VAL B 140 -10.94 12.19 -10.54
C VAL B 140 -9.81 13.17 -10.24
N PHE B 141 -10.16 14.41 -9.95
CA PHE B 141 -9.11 15.40 -9.65
C PHE B 141 -8.36 15.12 -8.35
N ARG B 142 -9.06 14.55 -7.36
CA ARG B 142 -8.44 14.10 -6.10
C ARG B 142 -7.25 13.17 -6.40
N PHE B 143 -7.42 12.27 -7.37
CA PHE B 143 -6.33 11.37 -7.80
C PHE B 143 -5.36 12.03 -8.80
N ALA B 144 -5.91 12.72 -9.79
CA ALA B 144 -5.14 13.16 -10.94
C ALA B 144 -4.17 14.27 -10.60
N ALA B 145 -4.59 15.23 -9.78
CA ALA B 145 -3.72 16.36 -9.47
C ALA B 145 -2.38 15.93 -8.88
N PRO B 146 -2.40 15.14 -7.78
CA PRO B 146 -1.10 14.70 -7.25
C PRO B 146 -0.38 13.72 -8.18
N ALA B 147 -1.11 12.84 -8.84
CA ALA B 147 -0.45 11.85 -9.70
C ALA B 147 0.36 12.54 -10.79
N LEU B 148 -0.25 13.55 -11.41
CA LEU B 148 0.38 14.28 -12.49
C LEU B 148 1.49 15.21 -11.99
N MET B 149 1.30 15.83 -10.83
CA MET B 149 2.36 16.68 -10.27
C MET B 149 3.62 15.84 -9.99
N ALA B 150 3.41 14.59 -9.61
CA ALA B 150 4.52 13.66 -9.29
C ALA B 150 5.27 13.16 -10.55
N GLY B 151 4.68 13.38 -11.71
CA GLY B 151 5.27 12.97 -13.00
C GLY B 151 4.79 11.63 -13.54
N ASN B 152 3.78 11.05 -12.92
CA ASN B 152 3.09 9.90 -13.49
C ASN B 152 2.20 10.32 -14.66
N VAL B 153 1.81 9.35 -15.46
CA VAL B 153 0.71 9.57 -16.43
C VAL B 153 -0.43 8.65 -16.00
N ALA B 154 -1.63 8.88 -16.49
CA ALA B 154 -2.79 8.19 -15.94
C ALA B 154 -3.77 7.79 -17.04
N VAL B 155 -4.37 6.62 -16.85
CA VAL B 155 -5.51 6.21 -17.64
C VAL B 155 -6.69 6.04 -16.69
N LEU B 156 -7.82 6.62 -17.08
CA LEU B 156 -9.02 6.67 -16.27
C LEU B 156 -10.08 5.75 -16.85
N LYS B 157 -10.57 4.81 -16.02
CA LYS B 157 -11.81 4.12 -16.31
C LYS B 157 -12.85 4.71 -15.39
N HIS B 158 -13.71 5.55 -15.93
CA HIS B 158 -14.80 6.12 -15.14
C HIS B 158 -16.02 5.20 -15.16
N ALA B 159 -16.99 5.49 -14.29
CA ALA B 159 -18.27 4.76 -14.29
C ALA B 159 -18.96 4.88 -15.65
N SER B 160 -19.65 3.82 -16.08
CA SER B 160 -20.21 3.77 -17.43
C SER B 160 -21.38 4.72 -17.63
N ASN B 161 -21.89 5.27 -16.53
CA ASN B 161 -23.00 6.20 -16.58
C ASN B 161 -22.60 7.66 -16.51
N VAL B 162 -21.29 7.93 -16.43
CA VAL B 162 -20.81 9.32 -16.52
C VAL B 162 -19.76 9.56 -17.65
N PRO B 163 -20.04 9.06 -18.85
CA PRO B 163 -19.05 9.19 -19.93
C PRO B 163 -18.76 10.64 -20.33
N GLN B 164 -19.78 11.50 -20.31
CA GLN B 164 -19.56 12.91 -20.63
C GLN B 164 -18.64 13.59 -19.60
N CYS B 165 -18.82 13.25 -18.32
CA CYS B 165 -17.93 13.74 -17.25
C CYS B 165 -16.51 13.26 -17.53
N ALA B 166 -16.38 11.95 -17.83
CA ALA B 166 -15.06 11.36 -18.09
C ALA B 166 -14.35 12.07 -19.25
N LEU B 167 -15.09 12.31 -20.33
CA LEU B 167 -14.50 12.98 -21.51
C LEU B 167 -14.17 14.44 -21.17
N ALA B 168 -15.01 15.06 -20.34
CA ALA B 168 -14.78 16.44 -19.96
C ALA B 168 -13.49 16.62 -19.18
N VAL B 169 -13.21 15.71 -18.25
CA VAL B 169 -11.99 15.80 -17.44
C VAL B 169 -10.75 15.72 -18.34
N GLU B 170 -10.76 14.75 -19.27
CA GLU B 170 -9.67 14.61 -20.22
C GLU B 170 -9.49 15.89 -21.04
N ALA B 171 -10.59 16.48 -21.48
CA ALA B 171 -10.55 17.71 -22.30
C ALA B 171 -10.01 18.90 -21.54
N ILE B 172 -10.34 19.01 -20.26
CA ILE B 172 -9.84 20.08 -19.38
C ILE B 172 -8.33 20.00 -19.31
N LEU B 173 -7.81 18.79 -19.07
CA LEU B 173 -6.37 18.59 -18.92
C LEU B 173 -5.63 18.83 -20.23
N GLU B 174 -6.25 18.46 -21.35
CA GLU B 174 -5.71 18.79 -22.67
C GLU B 174 -5.67 20.31 -22.92
N ALA B 175 -6.76 21.00 -22.61
CA ALA B 175 -6.85 22.45 -22.77
C ALA B 175 -5.85 23.16 -21.87
N ALA B 176 -5.57 22.57 -20.71
CA ALA B 176 -4.66 23.16 -19.72
C ALA B 176 -3.20 23.14 -20.23
N GLY B 177 -2.93 22.21 -21.14
CA GLY B 177 -1.62 22.08 -21.77
C GLY B 177 -0.87 20.78 -21.51
N PHE B 178 -1.46 19.87 -20.72
CA PHE B 178 -0.80 18.58 -20.50
C PHE B 178 -0.63 17.85 -21.84
N PRO B 179 0.59 17.37 -22.12
CA PRO B 179 0.82 16.64 -23.38
C PRO B 179 -0.09 15.47 -23.60
N GLU B 180 -0.33 15.17 -24.88
CA GLU B 180 -1.09 14.00 -25.31
C GLU B 180 -0.55 12.73 -24.70
N GLY B 181 -1.44 11.94 -24.11
CA GLY B 181 -1.05 10.67 -23.51
C GLY B 181 -0.76 10.78 -22.02
N VAL B 182 -0.70 11.99 -21.49
CA VAL B 182 -0.43 12.14 -20.06
C VAL B 182 -1.66 11.81 -19.22
N PHE B 183 -2.85 12.10 -19.74
CA PHE B 183 -4.09 11.71 -19.07
C PHE B 183 -5.08 11.31 -20.14
N GLN B 184 -5.53 10.07 -20.08
CA GLN B 184 -6.47 9.55 -21.08
C GLN B 184 -7.66 8.88 -20.43
N THR B 185 -8.84 9.19 -20.96
CA THR B 185 -10.07 8.55 -20.54
C THR B 185 -10.30 7.33 -21.40
N LEU B 186 -10.55 6.21 -20.74
CA LEU B 186 -10.84 4.93 -21.38
C LEU B 186 -12.32 4.64 -21.25
N LEU B 187 -13.05 4.81 -22.35
CA LEU B 187 -14.45 4.42 -22.38
C LEU B 187 -14.56 2.90 -22.48
N ILE B 188 -14.48 2.24 -21.32
CA ILE B 188 -14.48 0.79 -21.26
C ILE B 188 -15.37 0.32 -20.11
N GLY B 189 -15.86 -0.92 -20.22
CA GLY B 189 -16.65 -1.53 -19.15
C GLY B 189 -15.83 -2.10 -18.01
N ALA B 190 -16.52 -2.44 -16.92
CA ALA B 190 -15.90 -3.06 -15.76
C ALA B 190 -15.10 -4.30 -16.13
N SER B 191 -15.63 -5.10 -17.04
CA SER B 191 -14.99 -6.36 -17.45
C SER B 191 -13.67 -6.16 -18.21
N GLN B 192 -13.42 -4.94 -18.67
CA GLN B 192 -12.20 -4.63 -19.44
C GLN B 192 -11.06 -4.10 -18.55
N VAL B 193 -11.36 -3.81 -17.30
CA VAL B 193 -10.33 -3.29 -16.37
C VAL B 193 -9.19 -4.31 -16.18
N GLU B 194 -9.55 -5.58 -16.12
CA GLU B 194 -8.55 -6.66 -16.04
C GLU B 194 -7.44 -6.56 -17.11
N GLN B 195 -7.81 -6.19 -18.33
CA GLN B 195 -6.82 -6.07 -19.39
C GLN B 195 -5.80 -5.00 -19.04
N VAL B 196 -6.28 -3.90 -18.47
CA VAL B 196 -5.42 -2.77 -18.14
C VAL B 196 -4.47 -3.12 -16.99
N ILE B 197 -5.00 -3.71 -15.92
CA ILE B 197 -4.13 -4.02 -14.77
C ILE B 197 -3.09 -5.08 -15.11
N LYS B 198 -3.43 -5.99 -16.02
CA LYS B 198 -2.50 -7.03 -16.46
C LYS B 198 -1.45 -6.56 -17.49
N ASP B 199 -1.62 -5.35 -18.01
CA ASP B 199 -0.65 -4.83 -18.99
C ASP B 199 0.65 -4.48 -18.27
N PRO B 200 1.81 -4.94 -18.81
CA PRO B 200 3.09 -4.74 -18.10
C PRO B 200 3.48 -3.27 -17.93
N ARG B 201 2.94 -2.40 -18.78
CA ARG B 201 3.26 -0.97 -18.72
C ARG B 201 2.52 -0.25 -17.57
N VAL B 202 1.40 -0.83 -17.12
CA VAL B 202 0.61 -0.26 -16.03
C VAL B 202 1.26 -0.67 -14.70
N LYS B 203 1.63 0.31 -13.89
CA LYS B 203 2.50 0.05 -12.73
C LYS B 203 1.75 0.03 -11.39
N ALA B 204 0.54 0.58 -11.33
CA ALA B 204 -0.18 0.75 -10.08
C ALA B 204 -1.61 1.09 -10.39
N ALA B 205 -2.48 0.98 -9.39
CA ALA B 205 -3.88 1.27 -9.62
C ALA B 205 -4.53 1.84 -8.37
N THR B 206 -5.52 2.71 -8.59
CA THR B 206 -6.34 3.24 -7.51
C THR B 206 -7.80 3.03 -7.86
N LEU B 207 -8.64 2.76 -6.86
CA LEU B 207 -10.07 2.63 -7.11
C LEU B 207 -10.85 3.28 -6.01
N THR B 208 -11.83 4.07 -6.42
CA THR B 208 -12.83 4.63 -5.52
C THR B 208 -14.16 4.08 -5.99
N GLY B 209 -14.92 3.54 -5.06
CA GLY B 209 -16.12 2.79 -5.42
C GLY B 209 -16.53 1.81 -4.33
N SER B 210 -17.17 0.73 -4.74
CA SER B 210 -17.71 -0.22 -3.78
C SER B 210 -16.82 -1.44 -3.66
N GLU B 211 -17.08 -2.27 -2.65
CA GLU B 211 -16.22 -3.40 -2.31
C GLU B 211 -16.00 -4.41 -3.46
N PRO B 212 -17.09 -4.82 -4.17
CA PRO B 212 -16.83 -5.82 -5.22
C PRO B 212 -15.82 -5.34 -6.28
N ALA B 213 -15.94 -4.08 -6.69
CA ALA B 213 -15.00 -3.54 -7.68
C ALA B 213 -13.60 -3.43 -7.08
N GLY B 214 -13.54 -2.92 -5.85
CA GLY B 214 -12.26 -2.79 -5.13
C GLY B 214 -11.55 -4.12 -4.93
N ALA B 215 -12.32 -5.15 -4.55
CA ALA B 215 -11.75 -6.49 -4.34
C ALA B 215 -11.19 -7.06 -5.63
N SER B 216 -11.92 -6.86 -6.74
CA SER B 216 -11.48 -7.36 -8.04
C SER B 216 -10.18 -6.67 -8.45
N LEU B 217 -10.15 -5.34 -8.35
CA LEU B 217 -8.98 -4.58 -8.76
C LEU B 217 -7.77 -4.94 -7.90
N ALA B 218 -7.95 -4.96 -6.59
CA ALA B 218 -6.83 -5.16 -5.68
C ALA B 218 -6.28 -6.58 -5.73
N SER B 219 -7.18 -7.56 -5.93
CA SER B 219 -6.75 -8.96 -6.07
C SER B 219 -5.94 -9.15 -7.35
N LEU B 220 -6.41 -8.54 -8.45
CA LEU B 220 -5.69 -8.64 -9.72
C LEU B 220 -4.36 -7.91 -9.65
N ALA B 221 -4.35 -6.73 -9.05
CA ALA B 221 -3.12 -5.94 -8.93
C ALA B 221 -2.11 -6.66 -8.06
N GLY B 222 -2.58 -7.19 -6.94
CA GLY B 222 -1.72 -7.98 -6.04
C GLY B 222 -1.07 -9.16 -6.75
N GLN B 223 -1.86 -9.88 -7.54
CA GLN B 223 -1.32 -10.99 -8.33
C GLN B 223 -0.17 -10.54 -9.26
N GLU B 224 -0.26 -9.30 -9.75
CA GLU B 224 0.74 -8.72 -10.67
C GLU B 224 1.84 -7.94 -9.94
N ILE B 225 1.84 -8.01 -8.60
CA ILE B 225 2.83 -7.31 -7.78
C ILE B 225 2.78 -5.78 -8.03
N LYS B 226 1.57 -5.23 -8.03
CA LYS B 226 1.38 -3.82 -8.27
C LYS B 226 0.66 -3.19 -7.08
N PRO B 227 1.15 -2.03 -6.61
CA PRO B 227 0.54 -1.39 -5.46
C PRO B 227 -0.82 -0.77 -5.78
N THR B 228 -1.66 -0.70 -4.76
CA THR B 228 -3.01 -0.14 -4.93
C THR B 228 -3.40 0.78 -3.77
N LEU B 229 -4.47 1.54 -4.00
CA LEU B 229 -5.11 2.33 -2.97
C LEU B 229 -6.60 2.16 -3.22
N LEU B 230 -7.35 1.93 -2.15
CA LEU B 230 -8.80 1.71 -2.28
C LEU B 230 -9.55 2.64 -1.37
N GLU B 231 -10.49 3.37 -1.94
CA GLU B 231 -11.38 4.25 -1.18
C GLU B 231 -12.80 3.70 -1.41
N LEU B 232 -13.35 2.99 -0.43
CA LEU B 232 -14.61 2.29 -0.64
C LEU B 232 -15.75 2.90 0.18
N GLY B 233 -16.80 2.13 0.42
CA GLY B 233 -18.00 2.65 1.07
C GLY B 233 -17.88 2.77 2.58
N GLY B 234 -18.88 3.40 3.16
CA GLY B 234 -18.94 3.58 4.60
C GLY B 234 -20.36 3.47 5.10
N SER B 235 -20.49 3.27 6.40
CA SER B 235 -21.78 3.45 7.08
C SER B 235 -21.48 4.30 8.31
N ASP B 236 -21.10 5.54 8.05
CA ASP B 236 -20.52 6.37 9.09
C ASP B 236 -21.53 6.70 10.18
N PRO B 237 -21.09 6.61 11.43
CA PRO B 237 -21.92 7.01 12.56
C PRO B 237 -21.92 8.53 12.72
N PHE B 238 -23.04 9.04 13.22
CA PHE B 238 -23.17 10.46 13.55
C PHE B 238 -23.71 10.44 14.97
N VAL B 239 -22.81 10.64 15.94
CA VAL B 239 -23.13 10.40 17.36
C VAL B 239 -23.43 11.73 18.02
N VAL B 240 -24.55 11.79 18.74
CA VAL B 240 -24.95 13.05 19.38
C VAL B 240 -25.17 12.83 20.87
N PHE B 241 -24.36 13.52 21.67
CA PHE B 241 -24.41 13.37 23.11
C PHE B 241 -24.97 14.61 23.82
N PRO B 242 -25.31 14.49 25.12
CA PRO B 242 -26.17 15.51 25.74
C PRO B 242 -25.60 16.94 25.80
N SER B 243 -24.29 17.08 25.75
CA SER B 243 -23.70 18.41 25.76
C SER B 243 -23.58 19.07 24.38
N ALA B 244 -24.02 18.38 23.33
CA ALA B 244 -23.95 18.90 21.96
C ALA B 244 -24.81 20.15 21.71
N ASP B 245 -24.41 20.96 20.73
CA ASP B 245 -25.32 21.99 20.21
C ASP B 245 -26.31 21.24 19.33
N LEU B 246 -27.48 20.96 19.89
CA LEU B 246 -28.43 20.05 19.23
C LEU B 246 -28.94 20.62 17.91
N ASP B 247 -29.24 21.92 17.90
CA ASP B 247 -29.74 22.55 16.67
C ASP B 247 -28.71 22.48 15.55
N GLU B 248 -27.45 22.75 15.88
CA GLU B 248 -26.39 22.64 14.87
C GLU B 248 -26.28 21.17 14.41
N ALA B 249 -26.32 20.25 15.37
CA ALA B 249 -26.19 18.82 15.05
C ALA B 249 -27.31 18.35 14.11
N VAL B 250 -28.54 18.83 14.34
CA VAL B 250 -29.68 18.50 13.46
C VAL B 250 -29.49 19.04 12.04
N GLU B 251 -29.10 20.31 11.96
CA GLU B 251 -28.90 20.98 10.70
C GLU B 251 -27.78 20.33 9.90
N VAL B 252 -26.63 20.14 10.55
CA VAL B 252 -25.45 19.53 9.92
C VAL B 252 -25.72 18.06 9.60
N GLY B 253 -26.37 17.35 10.53
CA GLY B 253 -26.73 15.95 10.31
C GLY B 253 -27.63 15.74 9.10
N THR B 254 -28.61 16.64 8.93
CA THR B 254 -29.48 16.60 7.76
C THR B 254 -28.68 16.80 6.48
N VAL B 255 -27.80 17.80 6.45
CA VAL B 255 -26.91 18.00 5.29
C VAL B 255 -26.07 16.74 5.03
N ALA B 256 -25.48 16.18 6.09
CA ALA B 256 -24.58 15.05 5.94
C ALA B 256 -25.29 13.81 5.39
N ARG B 257 -26.55 13.59 5.80
CA ARG B 257 -27.27 12.44 5.28
C ARG B 257 -27.81 12.69 3.87
N THR B 258 -28.26 13.92 3.60
CA THR B 258 -28.98 14.16 2.34
C THR B 258 -28.17 14.78 1.19
N MET B 259 -26.97 15.27 1.46
CA MET B 259 -26.09 15.79 0.40
C MET B 259 -25.88 14.74 -0.72
N ASN B 260 -25.76 15.20 -1.96
CA ASN B 260 -25.52 14.29 -3.10
C ASN B 260 -26.66 13.27 -3.18
N ASN B 261 -27.85 13.70 -2.76
CA ASN B 261 -29.03 12.84 -2.69
C ASN B 261 -28.77 11.56 -1.89
N GLY B 262 -27.98 11.69 -0.83
CA GLY B 262 -27.60 10.57 0.05
C GLY B 262 -26.44 9.70 -0.45
N GLN B 263 -25.94 10.02 -1.65
CA GLN B 263 -25.00 9.13 -2.32
C GLN B 263 -23.57 9.53 -2.04
N SER B 264 -23.19 9.47 -0.76
CA SER B 264 -21.81 9.78 -0.38
C SER B 264 -21.30 8.68 0.55
N ALA B 265 -20.05 8.25 0.32
CA ALA B 265 -19.39 7.28 1.18
C ALA B 265 -19.24 7.82 2.60
N ILE B 266 -19.14 9.14 2.74
CA ILE B 266 -19.02 9.77 4.08
C ILE B 266 -20.31 10.46 4.53
N ALA B 267 -21.45 10.02 3.99
CA ALA B 267 -22.73 10.51 4.51
C ALA B 267 -22.87 10.10 5.97
N ALA B 268 -23.65 10.86 6.73
CA ALA B 268 -24.09 10.41 8.05
C ALA B 268 -25.18 9.35 7.79
N LYS B 269 -24.87 8.08 8.07
CA LYS B 269 -25.81 7.00 7.74
C LYS B 269 -26.52 6.45 8.98
N ARG B 270 -25.80 6.40 10.11
CA ARG B 270 -26.35 5.86 11.33
C ARG B 270 -26.28 6.89 12.44
N PHE B 271 -27.44 7.41 12.81
CA PHE B 271 -27.52 8.44 13.84
C PHE B 271 -27.63 7.76 15.18
N ILE B 272 -26.66 8.02 16.05
CA ILE B 272 -26.57 7.33 17.35
C ILE B 272 -26.75 8.40 18.41
N LEU B 273 -27.90 8.36 19.09
CA LEU B 273 -28.32 9.46 19.96
C LEU B 273 -28.36 9.05 21.43
N HIS B 274 -27.70 9.83 22.28
CA HIS B 274 -27.85 9.61 23.73
C HIS B 274 -29.33 9.76 24.11
N GLU B 275 -29.83 8.84 24.92
CA GLU B 275 -31.24 8.86 25.36
C GLU B 275 -31.74 10.20 25.92
N ALA B 276 -30.85 10.95 26.58
CA ALA B 276 -31.20 12.25 27.19
C ALA B 276 -31.65 13.30 26.17
N ILE B 277 -31.12 13.22 24.95
CA ILE B 277 -31.44 14.18 23.89
C ILE B 277 -32.14 13.56 22.68
N ALA B 278 -32.37 12.25 22.70
CA ALA B 278 -32.85 11.53 21.51
C ALA B 278 -34.21 12.04 21.02
N ALA B 279 -35.15 12.25 21.93
CA ALA B 279 -36.50 12.65 21.54
C ALA B 279 -36.51 14.00 20.85
N GLU B 280 -35.79 14.97 21.40
CA GLU B 280 -35.70 16.32 20.82
C GLU B 280 -34.99 16.32 19.48
N PHE B 281 -33.87 15.61 19.41
CA PHE B 281 -33.12 15.49 18.17
C PHE B 281 -33.98 14.88 17.07
N LEU B 282 -34.64 13.77 17.37
CA LEU B 282 -35.41 13.04 16.37
C LEU B 282 -36.61 13.84 15.85
N GLU B 283 -37.33 14.51 16.75
CA GLU B 283 -38.41 15.42 16.35
C GLU B 283 -37.90 16.45 15.34
N LYS B 284 -36.80 17.12 15.68
CA LYS B 284 -36.21 18.15 14.84
C LYS B 284 -35.70 17.61 13.50
N LEU B 285 -35.06 16.46 13.53
CA LEU B 285 -34.57 15.77 12.32
C LEU B 285 -35.73 15.41 11.37
N HIS B 286 -36.79 14.87 11.95
CA HIS B 286 -38.02 14.52 11.23
C HIS B 286 -38.55 15.74 10.48
N LEU B 287 -38.67 16.88 11.18
CA LEU B 287 -39.19 18.10 10.56
C LEU B 287 -38.26 18.66 9.50
N LYS B 288 -36.95 18.62 9.76
CA LYS B 288 -35.97 19.09 8.80
C LYS B 288 -36.04 18.27 7.51
N PHE B 289 -36.12 16.94 7.64
CA PHE B 289 -36.18 16.06 6.47
C PHE B 289 -37.46 16.33 5.65
N ALA B 290 -38.58 16.49 6.35
CA ALA B 290 -39.90 16.65 5.73
C ALA B 290 -39.99 17.97 4.95
N SER B 291 -39.16 18.93 5.34
CA SER B 291 -39.16 20.25 4.71
C SER B 291 -38.30 20.35 3.48
N LEU B 292 -37.55 19.31 3.15
CA LEU B 292 -36.64 19.32 1.99
C LEU B 292 -37.42 19.35 0.68
N LYS B 293 -36.91 20.10 -0.29
CA LYS B 293 -37.60 20.24 -1.58
C LYS B 293 -37.09 19.19 -2.55
N ILE B 294 -37.98 18.29 -2.97
CA ILE B 294 -37.63 17.20 -3.88
C ILE B 294 -38.04 17.60 -5.30
N GLY B 295 -37.13 17.52 -6.26
CA GLY B 295 -37.51 17.82 -7.64
C GLY B 295 -36.34 17.87 -8.60
N ASP B 296 -36.47 18.75 -9.61
CA ASP B 296 -35.51 18.81 -10.70
C ASP B 296 -34.20 19.36 -10.15
N PRO B 297 -33.11 18.58 -10.24
CA PRO B 297 -31.82 19.02 -9.67
C PRO B 297 -31.22 20.26 -10.35
N MET B 298 -31.67 20.59 -11.56
CA MET B 298 -31.23 21.82 -12.21
C MET B 298 -31.84 23.07 -11.55
N ALA B 299 -32.97 22.91 -10.86
CA ALA B 299 -33.61 24.06 -10.21
C ALA B 299 -32.88 24.43 -8.94
N PRO B 300 -32.49 25.73 -8.81
CA PRO B 300 -31.61 26.10 -7.68
C PRO B 300 -32.17 25.86 -6.29
N GLU B 301 -33.50 25.77 -6.15
CA GLU B 301 -34.11 25.58 -4.83
C GLU B 301 -34.30 24.11 -4.48
N THR B 302 -33.99 23.22 -5.42
CA THR B 302 -34.10 21.79 -5.13
C THR B 302 -33.06 21.31 -4.12
N ASP B 303 -33.51 20.57 -3.11
CA ASP B 303 -32.64 19.94 -2.12
C ASP B 303 -32.28 18.51 -2.55
N ILE B 304 -33.28 17.81 -3.07
CA ILE B 304 -33.14 16.37 -3.35
C ILE B 304 -33.53 16.13 -4.79
N GLY B 305 -32.55 15.70 -5.59
CA GLY B 305 -32.78 15.23 -6.95
C GLY B 305 -33.01 13.72 -6.92
N PRO B 306 -33.06 13.09 -8.11
CA PRO B 306 -33.28 11.64 -8.17
C PRO B 306 -31.99 10.91 -7.81
N LEU B 307 -32.10 9.64 -7.43
CA LEU B 307 -30.92 8.78 -7.35
C LEU B 307 -30.34 8.58 -8.77
N ALA B 308 -29.08 8.15 -8.84
CA ALA B 308 -28.34 8.24 -10.09
C ALA B 308 -28.80 7.23 -11.16
N THR B 309 -29.27 6.07 -10.71
CA THR B 309 -29.67 5.02 -11.64
C THR B 309 -30.85 4.24 -11.12
N GLU B 310 -31.51 3.55 -12.04
CA GLU B 310 -32.60 2.65 -11.69
C GLU B 310 -32.16 1.55 -10.70
N GLY B 311 -30.94 1.04 -10.89
CA GLY B 311 -30.37 0.03 -9.97
C GLY B 311 -30.20 0.54 -8.55
N ILE B 312 -29.71 1.77 -8.41
CA ILE B 312 -29.55 2.41 -7.10
C ILE B 312 -30.91 2.54 -6.39
N LEU B 313 -31.91 2.98 -7.15
CA LEU B 313 -33.27 3.06 -6.65
C LEU B 313 -33.81 1.69 -6.20
N GLN B 314 -33.60 0.67 -7.02
CA GLN B 314 -34.09 -0.68 -6.71
C GLN B 314 -33.44 -1.25 -5.45
N ASP B 315 -32.13 -1.02 -5.31
CA ASP B 315 -31.36 -1.44 -4.14
C ASP B 315 -31.93 -0.86 -2.85
N ILE B 316 -32.02 0.47 -2.76
CA ILE B 316 -32.53 1.07 -1.53
C ILE B 316 -33.96 0.66 -1.23
N SER B 317 -34.80 0.60 -2.27
CA SER B 317 -36.21 0.24 -2.08
C SER B 317 -36.36 -1.12 -1.42
N ARG B 318 -35.53 -2.06 -1.87
CA ARG B 318 -35.51 -3.43 -1.36
C ARG B 318 -35.01 -3.49 0.09
N GLN B 319 -33.84 -2.89 0.33
CA GLN B 319 -33.23 -2.78 1.66
C GLN B 319 -34.23 -2.25 2.69
N VAL B 320 -34.85 -1.11 2.39
CA VAL B 320 -35.81 -0.51 3.31
C VAL B 320 -37.04 -1.42 3.49
N ASP B 321 -37.63 -1.90 2.41
CA ASP B 321 -38.82 -2.78 2.51
C ASP B 321 -38.54 -3.97 3.43
N GLN B 322 -37.36 -4.56 3.27
CA GLN B 322 -36.97 -5.73 4.03
C GLN B 322 -36.80 -5.40 5.52
N ALA B 323 -36.18 -4.26 5.83
CA ALA B 323 -36.05 -3.80 7.23
C ALA B 323 -37.43 -3.59 7.87
N VAL B 324 -38.32 -2.96 7.12
CA VAL B 324 -39.67 -2.66 7.63
C VAL B 324 -40.45 -3.95 7.89
N ALA B 325 -40.33 -4.90 6.96
CA ALA B 325 -40.98 -6.21 7.12
C ALA B 325 -40.49 -6.92 8.38
N ALA B 326 -39.24 -6.67 8.75
CA ALA B 326 -38.59 -7.31 9.90
C ALA B 326 -38.97 -6.61 11.22
N GLY B 327 -39.58 -5.44 11.13
CA GLY B 327 -40.07 -4.72 12.30
C GLY B 327 -39.55 -3.30 12.48
N ALA B 328 -38.62 -2.87 11.62
CA ALA B 328 -38.17 -1.47 11.64
C ALA B 328 -39.37 -0.53 11.43
N LYS B 329 -39.34 0.61 12.10
CA LYS B 329 -40.41 1.60 12.03
C LYS B 329 -40.07 2.71 11.06
N ILE B 330 -40.99 3.01 10.15
CA ILE B 330 -40.82 4.15 9.25
C ILE B 330 -41.34 5.39 9.95
N LEU B 331 -40.44 6.32 10.22
CA LEU B 331 -40.82 7.59 10.81
C LEU B 331 -41.16 8.60 9.72
N LEU B 332 -40.48 8.47 8.58
CA LEU B 332 -40.70 9.29 7.40
C LEU B 332 -40.25 8.55 6.16
N GLY B 333 -40.99 8.71 5.06
CA GLY B 333 -40.56 8.21 3.75
C GLY B 333 -40.71 6.70 3.60
N GLY B 334 -39.71 6.07 3.00
CA GLY B 334 -39.62 4.61 2.95
C GLY B 334 -40.34 3.94 1.81
N ARG B 335 -40.67 4.72 0.78
CA ARG B 335 -41.26 4.22 -0.47
C ARG B 335 -40.85 5.16 -1.60
N PRO B 336 -40.47 4.60 -2.78
CA PRO B 336 -40.15 5.46 -3.94
C PRO B 336 -41.32 6.37 -4.32
N LEU B 337 -41.00 7.53 -4.88
CA LEU B 337 -42.03 8.48 -5.27
C LEU B 337 -42.70 8.06 -6.58
N ASP B 338 -44.00 8.35 -6.68
CA ASP B 338 -44.77 8.02 -7.88
C ASP B 338 -44.65 9.18 -8.87
N ARG B 339 -43.48 9.27 -9.50
CA ARG B 339 -43.18 10.34 -10.46
C ARG B 339 -42.02 9.90 -11.37
N ALA B 340 -41.91 10.56 -12.52
CA ALA B 340 -40.82 10.29 -13.46
C ALA B 340 -39.45 10.53 -12.80
N GLY B 341 -38.47 9.75 -13.22
CA GLY B 341 -37.11 9.83 -12.65
C GLY B 341 -36.95 8.91 -11.45
N TYR B 342 -35.72 8.67 -11.04
CA TYR B 342 -35.42 7.67 -10.03
C TYR B 342 -35.49 8.25 -8.63
N PHE B 343 -36.62 8.86 -8.29
CA PHE B 343 -36.76 9.56 -7.01
C PHE B 343 -37.06 8.65 -5.83
N TYR B 344 -36.31 8.85 -4.75
CA TYR B 344 -36.58 8.19 -3.48
C TYR B 344 -36.54 9.27 -2.39
N PRO B 345 -37.54 9.29 -1.50
CA PRO B 345 -37.66 10.40 -0.56
C PRO B 345 -36.73 10.28 0.64
N PRO B 346 -36.37 11.42 1.24
CA PRO B 346 -35.73 11.39 2.54
C PRO B 346 -36.53 10.49 3.48
N THR B 347 -35.83 9.60 4.17
CA THR B 347 -36.43 8.53 4.95
C THR B 347 -35.73 8.44 6.30
N ILE B 348 -36.52 8.19 7.35
CA ILE B 348 -35.98 7.94 8.67
C ILE B 348 -36.56 6.63 9.19
N LEU B 349 -35.66 5.70 9.54
CA LEU B 349 -36.04 4.40 10.12
C LEU B 349 -35.58 4.34 11.56
N THR B 350 -36.46 3.84 12.44
CA THR B 350 -36.17 3.73 13.87
C THR B 350 -36.51 2.33 14.38
N GLU B 351 -36.12 2.04 15.63
CA GLU B 351 -36.46 0.77 16.30
C GLU B 351 -36.15 -0.43 15.41
N ILE B 352 -34.97 -0.40 14.80
CA ILE B 352 -34.53 -1.48 13.93
C ILE B 352 -34.21 -2.68 14.82
N PRO B 353 -34.87 -3.83 14.53
CA PRO B 353 -34.66 -5.02 15.36
C PRO B 353 -33.20 -5.44 15.40
N PRO B 354 -32.73 -5.94 16.57
CA PRO B 354 -31.34 -6.41 16.64
C PRO B 354 -31.12 -7.51 15.60
N GLY B 355 -29.96 -7.51 14.97
CA GLY B 355 -29.64 -8.50 13.95
C GLY B 355 -30.32 -8.32 12.60
N ALA B 356 -31.08 -7.24 12.43
CA ALA B 356 -31.65 -6.93 11.10
C ALA B 356 -30.50 -6.74 10.12
N LYS B 357 -30.69 -7.26 8.91
CA LYS B 357 -29.64 -7.28 7.91
C LYS B 357 -29.13 -5.88 7.56
N ILE B 358 -30.04 -4.90 7.56
CA ILE B 358 -29.73 -3.53 7.14
C ILE B 358 -28.67 -2.85 8.02
N LEU B 359 -28.56 -3.32 9.26
CA LEU B 359 -27.62 -2.75 10.24
C LEU B 359 -26.17 -2.80 9.75
N GLN B 360 -25.89 -3.76 8.86
CA GLN B 360 -24.55 -4.00 8.33
C GLN B 360 -24.35 -3.50 6.89
N GLU B 361 -25.41 -2.96 6.28
CA GLU B 361 -25.36 -2.53 4.87
C GLU B 361 -25.16 -1.02 4.73
N GLU B 362 -24.58 -0.61 3.60
CA GLU B 362 -24.48 0.82 3.24
C GLU B 362 -25.77 1.27 2.55
N LEU B 363 -26.35 2.37 3.03
CA LEU B 363 -27.59 2.91 2.45
C LEU B 363 -27.21 4.11 1.60
N PHE B 364 -27.13 3.89 0.30
CA PHE B 364 -26.66 4.88 -0.64
C PHE B 364 -27.85 5.66 -1.24
N ALA B 365 -28.49 6.43 -0.36
CA ALA B 365 -29.75 7.13 -0.65
C ALA B 365 -30.03 7.91 0.65
N PRO B 366 -30.98 8.89 0.63
CA PRO B 366 -31.19 9.73 1.79
C PRO B 366 -32.01 9.05 2.92
N VAL B 367 -31.48 7.96 3.45
CA VAL B 367 -32.21 7.11 4.41
C VAL B 367 -31.40 7.03 5.70
N ALA B 368 -31.89 7.68 6.74
CA ALA B 368 -31.22 7.68 8.04
C ALA B 368 -31.72 6.50 8.89
N MET B 369 -30.76 5.73 9.42
CA MET B 369 -31.05 4.77 10.49
C MET B 369 -30.78 5.47 11.81
N VAL B 370 -31.69 5.34 12.75
CA VAL B 370 -31.58 6.05 14.03
C VAL B 370 -31.59 5.10 15.21
N PHE B 371 -30.68 5.35 16.15
CA PHE B 371 -30.48 4.48 17.32
C PHE B 371 -30.42 5.31 18.56
N THR B 372 -30.95 4.75 19.65
CA THR B 372 -30.84 5.37 20.97
C THR B 372 -29.87 4.54 21.81
N VAL B 373 -28.97 5.22 22.52
CA VAL B 373 -28.01 4.54 23.40
C VAL B 373 -27.98 5.17 24.77
N LYS B 374 -27.50 4.42 25.77
CA LYS B 374 -27.53 4.90 27.15
C LYS B 374 -26.27 5.65 27.59
N ASP B 375 -25.14 5.30 26.99
CA ASP B 375 -23.87 5.84 27.42
C ASP B 375 -22.80 5.75 26.35
N LEU B 376 -21.61 6.24 26.69
CA LEU B 376 -20.50 6.32 25.74
C LEU B 376 -20.03 4.95 25.28
N ASP B 377 -19.89 4.01 26.23
CA ASP B 377 -19.50 2.65 25.89
C ASP B 377 -20.43 2.06 24.83
N GLN B 378 -21.73 2.22 25.02
CA GLN B 378 -22.71 1.66 24.08
C GLN B 378 -22.60 2.36 22.72
N ALA B 379 -22.39 3.67 22.75
CA ALA B 379 -22.30 4.48 21.54
C ALA B 379 -21.12 4.03 20.69
N ILE B 380 -19.97 3.84 21.34
CA ILE B 380 -18.75 3.42 20.65
C ILE B 380 -18.90 2.01 20.05
N ALA B 381 -19.44 1.10 20.85
CA ALA B 381 -19.59 -0.28 20.42
C ALA B 381 -20.49 -0.34 19.18
N LEU B 382 -21.60 0.40 19.23
CA LEU B 382 -22.54 0.45 18.12
C LEU B 382 -21.91 1.12 16.87
N ALA B 383 -21.22 2.23 17.09
CA ALA B 383 -20.62 2.97 15.98
C ALA B 383 -19.67 2.07 15.19
N ASN B 384 -18.95 1.21 15.92
CA ASN B 384 -17.93 0.33 15.32
C ASN B 384 -18.47 -1.02 14.84
N ASP B 385 -19.75 -1.28 15.13
CA ASP B 385 -20.38 -2.57 14.82
C ASP B 385 -20.84 -2.67 13.35
N ILE B 386 -19.88 -2.46 12.45
CA ILE B 386 -20.06 -2.48 11.01
C ILE B 386 -18.76 -3.02 10.37
N PRO B 387 -18.85 -3.51 9.13
CA PRO B 387 -17.64 -3.94 8.42
C PRO B 387 -16.79 -2.76 7.94
N PHE B 388 -17.43 -1.59 7.78
CA PHE B 388 -16.77 -0.42 7.22
C PHE B 388 -16.03 0.38 8.31
N GLY B 389 -15.28 1.39 7.89
CA GLY B 389 -14.66 2.32 8.85
C GLY B 389 -14.08 3.51 8.12
N LEU B 390 -14.94 4.27 7.45
CA LEU B 390 -14.45 5.38 6.67
C LEU B 390 -14.39 6.64 7.52
N GLY B 391 -15.55 7.25 7.79
CA GLY B 391 -15.57 8.43 8.66
C GLY B 391 -16.44 8.23 9.90
N ALA B 392 -16.37 9.19 10.79
CA ALA B 392 -17.24 9.21 11.97
C ALA B 392 -17.32 10.63 12.49
N SER B 393 -18.52 10.99 12.94
CA SER B 393 -18.80 12.30 13.47
C SER B 393 -19.39 12.13 14.86
N ALA B 394 -18.90 12.90 15.83
CA ALA B 394 -19.44 12.85 17.18
C ALA B 394 -19.57 14.27 17.72
N TRP B 395 -20.68 14.50 18.43
CA TRP B 395 -21.07 15.82 18.94
C TRP B 395 -21.16 15.83 20.47
N THR B 396 -20.26 16.60 21.08
CA THR B 396 -20.13 16.71 22.53
C THR B 396 -19.18 17.85 22.82
N ASN B 397 -19.39 18.51 23.96
CA ASN B 397 -18.50 19.58 24.40
C ASN B 397 -17.78 19.21 25.70
N ASP B 398 -17.81 17.92 26.03
CA ASP B 398 -17.09 17.36 27.18
C ASP B 398 -15.73 16.89 26.67
N PRO B 399 -14.63 17.55 27.10
CA PRO B 399 -13.29 17.17 26.61
C PRO B 399 -12.98 15.68 26.74
N ALA B 400 -13.32 15.06 27.88
CA ALA B 400 -13.03 13.63 28.06
C ALA B 400 -13.80 12.78 27.05
N GLU B 401 -15.08 13.08 26.84
CA GLU B 401 -15.89 12.40 25.82
C GLU B 401 -15.27 12.57 24.42
N GLN B 402 -14.85 13.80 24.11
CA GLN B 402 -14.22 14.08 22.82
C GLN B 402 -13.02 13.17 22.58
N GLN B 403 -12.20 13.01 23.62
CA GLN B 403 -10.98 12.23 23.49
C GLN B 403 -11.31 10.75 23.31
N ARG B 404 -12.32 10.26 24.02
CA ARG B 404 -12.73 8.87 23.82
C ARG B 404 -13.22 8.63 22.40
N PHE B 405 -14.04 9.54 21.86
CA PHE B 405 -14.52 9.38 20.48
C PHE B 405 -13.35 9.38 19.50
N ILE B 406 -12.43 10.35 19.68
CA ILE B 406 -11.26 10.44 18.81
C ILE B 406 -10.44 9.16 18.85
N GLN B 407 -10.18 8.64 20.04
CA GLN B 407 -9.32 7.47 20.19
C GLN B 407 -10.00 6.17 19.74
N GLU B 408 -11.29 6.03 20.04
CA GLU B 408 -11.97 4.74 20.01
C GLU B 408 -12.86 4.45 18.80
N LEU B 409 -13.28 5.48 18.08
CA LEU B 409 -14.06 5.27 16.86
C LEU B 409 -13.15 4.66 15.79
N ASP B 410 -13.56 3.52 15.26
CA ASP B 410 -12.75 2.78 14.31
C ASP B 410 -12.99 3.30 12.91
N ALA B 411 -12.30 4.38 12.55
CA ALA B 411 -12.55 5.04 11.27
C ALA B 411 -11.29 5.73 10.83
N GLY B 412 -11.18 6.00 9.53
CA GLY B 412 -10.04 6.77 8.98
C GLY B 412 -10.07 8.27 9.28
N ALA B 413 -11.25 8.78 9.63
CA ALA B 413 -11.41 10.18 9.95
C ALA B 413 -12.43 10.32 11.08
N VAL B 414 -12.11 11.13 12.07
CA VAL B 414 -13.05 11.44 13.16
C VAL B 414 -13.20 12.96 13.30
N PHE B 415 -14.44 13.41 13.12
CA PHE B 415 -14.78 14.82 13.22
C PHE B 415 -15.60 15.05 14.48
N ILE B 416 -15.17 16.04 15.27
CA ILE B 416 -15.88 16.41 16.50
C ILE B 416 -16.59 17.75 16.29
N ASN B 417 -17.91 17.74 16.52
CA ASN B 417 -18.76 18.92 16.33
C ASN B 417 -18.79 19.47 14.92
N GLY B 418 -18.67 18.56 13.95
CA GLY B 418 -18.77 18.93 12.53
C GLY B 418 -19.01 17.67 11.72
N MET B 419 -19.57 17.83 10.52
CA MET B 419 -19.73 16.68 9.63
C MET B 419 -18.39 16.35 8.97
N VAL B 420 -18.17 15.06 8.69
CA VAL B 420 -16.97 14.61 7.99
C VAL B 420 -16.92 15.21 6.58
N LYS B 421 -15.76 15.76 6.21
CA LYS B 421 -15.51 16.32 4.89
C LYS B 421 -14.07 16.04 4.50
N SER B 422 -13.85 15.80 3.22
CA SER B 422 -12.48 15.75 2.69
C SER B 422 -12.02 17.17 2.42
N ASP B 423 -10.71 17.40 2.59
CA ASP B 423 -10.11 18.70 2.45
C ASP B 423 -8.72 18.42 1.89
N PRO B 424 -8.33 19.09 0.77
CA PRO B 424 -7.00 18.78 0.20
C PRO B 424 -5.85 18.87 1.21
N ARG B 425 -6.01 19.69 2.23
CA ARG B 425 -4.93 19.94 3.18
C ARG B 425 -4.68 18.77 4.14
N LEU B 426 -5.63 17.85 4.25
CA LEU B 426 -5.50 16.70 5.15
C LEU B 426 -5.65 15.39 4.41
N PRO B 427 -4.88 14.35 4.81
CA PRO B 427 -5.09 13.03 4.19
C PRO B 427 -6.50 12.50 4.43
N PHE B 428 -6.95 11.62 3.54
CA PHE B 428 -8.30 11.10 3.59
C PHE B 428 -8.32 9.65 3.13
N GLY B 429 -8.89 8.77 3.95
CA GLY B 429 -9.01 7.38 3.52
C GLY B 429 -9.67 6.53 4.57
N GLY B 430 -9.86 5.25 4.24
CA GLY B 430 -10.63 4.37 5.12
C GLY B 430 -9.78 3.35 5.85
N THR B 431 -10.46 2.57 6.68
CA THR B 431 -9.87 1.47 7.41
C THR B 431 -10.88 0.32 7.33
N LYS B 432 -10.51 -0.85 7.83
CA LYS B 432 -11.40 -2.01 7.77
C LYS B 432 -11.86 -2.24 6.32
N ARG B 433 -13.14 -2.54 6.08
CA ARG B 433 -13.60 -2.83 4.71
C ARG B 433 -13.80 -1.58 3.85
N SER B 434 -13.53 -0.40 4.43
CA SER B 434 -13.61 0.86 3.69
C SER B 434 -12.38 1.17 2.83
N GLY B 435 -11.35 0.32 2.96
CA GLY B 435 -10.17 0.44 2.12
C GLY B 435 -8.90 0.71 2.88
N TYR B 436 -7.91 1.22 2.16
CA TYR B 436 -6.58 1.47 2.72
C TYR B 436 -5.84 2.44 1.81
N GLY B 437 -4.77 3.00 2.34
CA GLY B 437 -4.08 4.11 1.66
C GLY B 437 -4.77 5.44 1.90
N ARG B 438 -4.08 6.53 1.60
CA ARG B 438 -4.62 7.87 1.85
C ARG B 438 -4.43 8.75 0.63
N GLU B 439 -5.51 9.43 0.27
CA GLU B 439 -5.47 10.48 -0.74
C GLU B 439 -5.35 11.83 -0.02
N LEU B 440 -5.00 12.87 -0.77
CA LEU B 440 -4.88 14.23 -0.24
C LEU B 440 -3.71 14.44 0.73
N GLY B 441 -3.48 15.71 1.08
CA GLY B 441 -2.30 16.11 1.87
C GLY B 441 -1.00 15.58 1.27
N LEU B 442 0.00 15.37 2.12
CA LEU B 442 1.29 14.89 1.65
C LEU B 442 1.12 13.47 1.18
N ALA B 443 0.33 12.70 1.93
CA ALA B 443 0.13 11.28 1.63
C ALA B 443 -0.29 11.06 0.18
N GLY B 444 -1.21 11.89 -0.31
CA GLY B 444 -1.79 11.73 -1.65
C GLY B 444 -0.72 11.67 -2.73
N ILE B 445 0.28 12.54 -2.61
CA ILE B 445 1.28 12.62 -3.67
C ILE B 445 2.40 11.58 -3.46
N ARG B 446 2.51 11.07 -2.25
CA ARG B 446 3.53 10.06 -1.95
C ARG B 446 3.09 8.63 -2.28
N THR B 447 1.81 8.44 -2.61
CA THR B 447 1.29 7.10 -2.83
C THR B 447 1.88 6.37 -4.04
N PHE B 448 1.97 7.06 -5.16
CA PHE B 448 2.35 6.43 -6.42
C PHE B 448 3.70 6.93 -6.93
N VAL B 449 4.66 6.93 -6.02
CA VAL B 449 6.06 7.21 -6.39
C VAL B 449 6.96 6.09 -5.90
N ASN B 450 8.09 5.94 -6.57
CA ASN B 450 9.19 5.17 -6.04
C ASN B 450 9.93 6.05 -5.05
N ALA B 451 9.83 5.70 -3.77
CA ALA B 451 10.65 6.32 -2.74
C ALA B 451 12.00 5.63 -2.81
N LYS B 452 12.91 6.25 -3.56
CA LYS B 452 14.22 5.64 -3.84
C LYS B 452 15.24 6.07 -2.81
N THR B 453 15.82 5.10 -2.09
CA THR B 453 16.91 5.39 -1.17
C THR B 453 18.22 5.55 -1.93
N VAL B 454 18.94 6.62 -1.64
CA VAL B 454 20.21 6.90 -2.31
C VAL B 454 21.31 7.00 -1.27
N TRP B 455 22.41 6.29 -1.52
CA TRP B 455 23.56 6.31 -0.62
C TRP B 455 24.82 6.51 -1.44
N LEU B 456 25.60 7.53 -1.13
CA LEU B 456 26.79 7.87 -1.89
C LEU B 456 27.96 7.94 -0.91
N LYS B 457 28.96 7.10 -1.14
CA LYS B 457 30.06 6.96 -0.19
C LYS B 457 30.73 8.32 0.06
C1 SSN C . 18.76 -7.18 3.50
O1 SSN C . 19.97 -7.44 3.74
C2 SSN C . 18.06 -7.80 2.32
O2 SSN C . 18.08 -6.41 4.19
C3 SSN C . 18.05 -9.30 2.55
C4 SSN C . 18.62 -9.98 1.32
O4 SSN C . 18.01 -10.90 0.80
PA NAP D . 9.65 -18.30 -0.92
O1A NAP D . 9.53 -19.68 -1.49
O2A NAP D . 8.80 -17.29 -1.57
O5B NAP D . 9.36 -18.39 0.67
C5B NAP D . 9.16 -17.24 1.46
C4B NAP D . 8.00 -17.53 2.41
O4B NAP D . 6.78 -17.65 1.68
C3B NAP D . 8.16 -18.84 3.17
O3B NAP D . 7.63 -18.62 4.46
C2B NAP D . 7.31 -19.83 2.38
O2B NAP D . 6.81 -20.88 3.15
C1B NAP D . 6.18 -18.91 1.95
N9A NAP D . 5.43 -19.32 0.74
C8A NAP D . 5.84 -19.98 -0.40
N7A NAP D . 4.79 -20.08 -1.24
C5A NAP D . 3.70 -19.49 -0.65
C6A NAP D . 2.38 -19.31 -1.06
N6A NAP D . 1.96 -19.76 -2.24
N1A NAP D . 1.50 -18.65 -0.22
C2A NAP D . 1.92 -18.17 1.02
N3A NAP D . 3.23 -18.36 1.41
C4A NAP D . 4.11 -19.00 0.58
O3 NAP D . 11.16 -17.75 -0.98
PN NAP D . 12.57 -18.46 -1.27
O1N NAP D . 12.56 -19.81 -0.66
O2N NAP D . 12.86 -18.34 -2.73
O5D NAP D . 13.50 -17.44 -0.43
C5D NAP D . 14.36 -16.55 -1.11
C4D NAP D . 13.62 -15.37 -1.74
O4D NAP D . 13.45 -14.36 -0.77
C3D NAP D . 14.41 -14.72 -2.86
O3D NAP D . 14.02 -15.19 -4.14
C2D NAP D . 14.07 -13.26 -2.77
O2D NAP D . 13.07 -13.05 -3.72
C1D NAP D . 13.39 -13.09 -1.41
N1N NAP D . 13.92 -12.04 -0.51
C2N NAP D . 13.58 -10.71 -0.66
C3N NAP D . 14.10 -9.76 0.23
C7N NAP D . 13.72 -8.30 0.20
O7N NAP D . 13.91 -7.54 1.38
N7N NAP D . 13.26 -7.73 -0.92
C4N NAP D . 14.92 -10.17 1.26
C5N NAP D . 15.22 -11.52 1.41
C6N NAP D . 14.71 -12.45 0.53
P2B NAP D . 7.34 -22.40 3.01
O1X NAP D . 6.50 -23.25 3.93
O2X NAP D . 8.80 -22.45 3.38
O3X NAP D . 7.17 -22.80 1.54
C1 SSN E . -15.57 13.14 -0.46
O1 SSN E . -16.37 14.10 -0.33
C2 SSN E . -16.05 11.72 -0.27
O2 SSN E . -14.38 13.27 -0.77
C3 SSN E . -16.90 11.40 -1.48
C4 SSN E . -18.20 10.84 -0.95
O4 SSN E . -18.61 9.80 -1.40
PA NAP F . -18.96 0.71 -8.16
O1A NAP F . -20.05 -0.14 -8.73
O2A NAP F . -17.93 -0.05 -7.40
O5B NAP F . -18.27 1.50 -9.38
C5B NAP F . -17.09 2.28 -9.21
C4B NAP F . -16.22 2.02 -10.44
O4B NAP F . -15.80 0.67 -10.46
C3B NAP F . -16.95 2.25 -11.75
O3B NAP F . -16.03 2.83 -12.64
C2B NAP F . -17.35 0.85 -12.21
O2B NAP F . -17.48 0.70 -13.61
C1B NAP F . -16.17 0.05 -11.69
N9A NAP F . -16.40 -1.38 -11.45
C8A NAP F . -17.52 -2.04 -11.02
N7A NAP F . -17.22 -3.37 -10.95
C5A NAP F . -15.93 -3.55 -11.31
C6A NAP F . -15.10 -4.68 -11.41
N6A NAP F . -15.56 -5.89 -11.12
N1A NAP F . -13.80 -4.52 -11.84
C2A NAP F . -13.30 -3.26 -12.15
N3A NAP F . -14.11 -2.15 -12.05
C4A NAP F . -15.40 -2.30 -11.64
O3 NAP F . -19.55 1.90 -7.25
PN NAP F . -21.04 2.51 -7.10
O1N NAP F . -21.79 2.33 -8.37
O2N NAP F . -21.63 1.91 -5.87
O5D NAP F . -20.60 4.04 -6.87
C5D NAP F . -20.59 4.66 -5.60
C4D NAP F . -19.71 3.90 -4.61
O4D NAP F . -18.50 4.58 -4.44
C3D NAP F . -20.33 3.81 -3.22
O3D NAP F . -20.93 2.54 -3.00
C2D NAP F . -19.18 4.02 -2.26
O2D NAP F . -18.93 2.75 -1.71
C1D NAP F . -18.00 4.44 -3.12
N1N NAP F . -17.30 5.70 -2.77
C2N NAP F . -16.21 5.74 -1.92
C3N NAP F . -15.58 6.98 -1.66
C7N NAP F . -14.34 7.14 -0.83
O7N NAP F . -13.53 8.28 -1.09
N7N NAP F . -14.01 6.27 0.12
C4N NAP F . -16.05 8.13 -2.29
C5N NAP F . -17.12 8.05 -3.17
C6N NAP F . -17.74 6.83 -3.40
P2B NAP F . -18.93 0.57 -14.33
O1X NAP F . -18.64 0.37 -15.79
O2X NAP F . -19.79 1.80 -14.12
O3X NAP F . -19.68 -0.62 -13.75
#